data_9H39
#
_entry.id   9H39
#
_cell.length_a   68.900
_cell.length_b   55.090
_cell.length_c   109.340
_cell.angle_alpha   90.000
_cell.angle_beta   98.910
_cell.angle_gamma   90.000
#
_symmetry.space_group_name_H-M   'P 1 21 1'
#
loop_
_entity.id
_entity.type
_entity.pdbx_description
1 polymer 'LysM type receptor kinase'
2 polymer 'anti-LYS13 VHH'
3 branched beta-D-mannopyranose-(1-4)-2-acetamido-2-deoxy-beta-D-glucopyranose-(1-4)-2-acetamido-2-deoxy-beta-D-glucopyranose
4 branched 2-acetamido-2-deoxy-beta-D-glucopyranose-(1-4)-2-acetamido-2-deoxy-beta-D-glucopyranose
5 branched beta-D-mannopyranose-(1-4)-2-acetamido-2-deoxy-beta-D-glucopyranose-(1-4)-[alpha-L-fucopyranose-(1-6)]2-acetamido-2-deoxy-beta-D-glucopyranose
6 branched 2-acetamido-2-deoxy-beta-D-glucopyranose-(1-4)-[alpha-L-fucopyranose-(1-6)]2-acetamido-2-deoxy-beta-D-glucopyranose
7 non-polymer 2-acetamido-2-deoxy-beta-D-glucopyranose
8 water water
#
loop_
_entity_poly.entity_id
_entity_poly.type
_entity_poly.pdbx_seq_one_letter_code
_entity_poly.pdbx_strand_id
1 'polypeptide(L)'
;(PCA)QEYLNNNQLDCDNTHNSTYGNVCNSVTSCQSYLTFKSSSPEYNTPSSISYLLNSTPSLVAKSNNITDVTPIITDT
MVTVPVTCSCSGGRYQHNATYNLKKTGETYFSIANNTYQSLTTCQALMAQNPYDAKNLFAGDDLHVPLRCACPTKKQSDA
GFKYLLTYLVSQGESPDSIAEIFGVDTQSVLDANELDSKSVVFYFTPLLVPLKTEPPARLQIAASHHHHHH
;
A,B
2 'polypeptide(L)'
;MQLQLVESGGGLVQAGGSLRLSCATSGTTFRLNTMGWYRQAPGKQRELVATISRDFKTNYADSVKGRFTISRDNAKHTVD
LQMNSLTPEDTAVYYCLVRDQREWYGPEYDNWGRGTQVTVSSHHHHHH
;
C,D
#
loop_
_chem_comp.id
_chem_comp.type
_chem_comp.name
_chem_comp.formula
BMA D-saccharide, beta linking beta-D-mannopyranose 'C6 H12 O6'
FUC L-saccharide, alpha linking alpha-L-fucopyranose 'C6 H12 O5'
NAG D-saccharide, beta linking 2-acetamido-2-deoxy-beta-D-glucopyranose 'C8 H15 N O6'
#
# COMPACT_ATOMS: atom_id res chain seq x y z
N PCA A 1 4.39 33.06 -8.45
CA PCA A 1 5.13 32.55 -9.59
CB PCA A 1 5.45 33.71 -10.52
CG PCA A 1 4.47 34.78 -10.03
CD PCA A 1 3.99 34.33 -8.65
OE PCA A 1 3.35 35.01 -7.87
C PCA A 1 6.41 31.81 -9.22
O PCA A 1 7.10 32.16 -8.26
N GLN A 2 6.70 30.77 -10.00
CA GLN A 2 7.93 30.00 -9.88
C GLN A 2 8.49 29.79 -11.27
N GLU A 3 9.80 29.58 -11.38
CA GLU A 3 10.39 29.32 -12.69
C GLU A 3 9.97 27.95 -13.20
N TYR A 4 9.75 27.85 -14.50
CA TYR A 4 9.36 26.60 -15.13
C TYR A 4 10.56 25.67 -15.26
N LEU A 5 10.38 24.40 -14.89
CA LEU A 5 11.49 23.45 -14.87
C LEU A 5 12.07 23.24 -16.26
N ASN A 6 11.23 23.30 -17.30
CA ASN A 6 11.67 23.56 -18.67
C ASN A 6 12.64 22.50 -19.20
N ASN A 7 12.43 21.24 -18.80
CA ASN A 7 13.23 20.10 -19.24
C ASN A 7 14.68 20.17 -18.78
N ASN A 8 15.00 21.07 -17.84
CA ASN A 8 16.34 21.09 -17.28
C ASN A 8 16.63 19.85 -16.45
N GLN A 9 15.60 19.11 -16.05
CA GLN A 9 15.81 17.94 -15.22
C GLN A 9 16.19 16.69 -16.03
N LEU A 10 16.15 16.76 -17.37
CA LEU A 10 16.46 15.60 -18.18
C LEU A 10 17.96 15.31 -18.26
N ASP A 11 18.81 16.24 -17.82
CA ASP A 11 20.25 16.09 -17.86
C ASP A 11 20.79 16.33 -16.45
N CYS A 12 21.37 15.30 -15.85
CA CYS A 12 21.84 15.42 -14.46
C CYS A 12 22.99 16.42 -14.31
N ASP A 13 23.70 16.74 -15.39
CA ASP A 13 24.76 17.74 -15.32
C ASP A 13 24.25 19.17 -15.45
N ASN A 14 22.96 19.34 -15.79
CA ASN A 14 22.34 20.66 -15.83
C ASN A 14 22.28 21.24 -14.42
N THR A 15 22.57 22.55 -14.30
CA THR A 15 22.59 23.19 -12.99
C THR A 15 21.68 24.41 -12.93
N HIS A 16 20.63 24.44 -13.74
CA HIS A 16 19.70 25.55 -13.71
C HIS A 16 19.04 25.66 -12.34
N ASN A 17 18.82 26.90 -11.90
CA ASN A 17 18.26 27.18 -10.57
C ASN A 17 16.99 26.37 -10.29
N SER A 18 16.17 26.15 -11.32
CA SER A 18 14.88 25.50 -11.11
C SER A 18 15.02 24.04 -10.69
N THR A 19 16.09 23.37 -11.11
CA THR A 19 16.21 21.94 -10.81
C THR A 19 16.38 21.66 -9.32
N TYR A 20 16.79 22.66 -8.54
CA TYR A 20 16.99 22.45 -7.11
C TYR A 20 15.72 22.64 -6.30
N GLY A 21 14.63 23.05 -6.95
CA GLY A 21 13.34 23.15 -6.28
C GLY A 21 12.70 24.51 -6.46
N ASN A 22 11.39 24.57 -6.26
CA ASN A 22 10.70 25.84 -6.12
C ASN A 22 11.35 26.67 -5.00
N VAL A 23 11.34 27.98 -5.17
CA VAL A 23 11.99 28.87 -4.22
C VAL A 23 10.99 29.33 -3.17
N CYS A 24 11.44 29.41 -1.92
CA CYS A 24 10.64 29.90 -0.81
C CYS A 24 10.42 31.41 -0.93
N ASN A 25 9.30 31.81 -1.53
CA ASN A 25 9.02 33.23 -1.77
C ASN A 25 7.71 33.68 -1.14
N SER A 26 7.18 32.90 -0.21
CA SER A 26 5.90 33.23 0.43
C SER A 26 5.87 32.70 1.85
N VAL A 27 4.70 32.21 2.28
CA VAL A 27 4.57 31.74 3.67
C VAL A 27 5.38 30.47 3.88
N THR A 28 5.73 30.23 5.15
CA THR A 28 6.67 29.16 5.47
C THR A 28 6.07 27.77 5.24
N SER A 29 4.75 27.64 5.34
CA SER A 29 4.13 26.32 5.23
C SER A 29 2.70 26.48 4.76
N CYS A 30 2.21 25.49 4.02
CA CYS A 30 0.86 25.56 3.49
C CYS A 30 0.43 24.18 3.02
N GLN A 31 -0.89 24.03 2.86
CA GLN A 31 -1.43 22.89 2.15
C GLN A 31 -1.12 23.01 0.67
N SER A 32 -0.78 21.88 0.05
CA SER A 32 -0.51 21.83 -1.38
CA SER A 32 -0.53 21.84 -1.38
C SER A 32 -0.93 20.46 -1.90
N TYR A 33 -0.73 20.26 -3.20
CA TYR A 33 -1.15 19.01 -3.85
C TYR A 33 -0.09 18.57 -4.84
N LEU A 34 0.15 17.25 -4.87
CA LEU A 34 0.88 16.62 -5.96
C LEU A 34 -0.11 15.86 -6.84
N THR A 35 0.35 15.48 -8.02
CA THR A 35 -0.36 14.53 -8.86
C THR A 35 0.58 13.37 -9.15
N PHE A 36 0.00 12.21 -9.44
CA PHE A 36 0.78 10.99 -9.59
C PHE A 36 -0.05 10.00 -10.39
N LYS A 37 0.58 9.34 -11.37
CA LYS A 37 -0.13 8.34 -12.17
C LYS A 37 0.02 6.98 -11.52
N SER A 38 -1.12 6.36 -11.19
CA SER A 38 -1.11 5.04 -10.58
CA SER A 38 -1.12 5.04 -10.59
C SER A 38 -0.31 4.07 -11.44
N SER A 39 0.56 3.30 -10.78
CA SER A 39 1.44 2.36 -11.44
C SER A 39 1.28 1.00 -10.78
N SER A 40 0.97 -0.01 -11.59
CA SER A 40 0.79 -1.37 -11.11
C SER A 40 2.06 -2.19 -11.28
N PRO A 41 2.39 -3.08 -10.34
CA PRO A 41 1.65 -3.39 -9.11
C PRO A 41 2.16 -2.67 -7.86
N GLU A 42 3.17 -1.80 -7.97
CA GLU A 42 3.81 -1.27 -6.77
C GLU A 42 3.10 -0.07 -6.17
N TYR A 43 2.53 0.81 -6.99
CA TYR A 43 2.01 2.10 -6.52
C TYR A 43 0.61 2.34 -7.08
N ASN A 44 -0.34 1.47 -6.73
CA ASN A 44 -1.69 1.55 -7.28
C ASN A 44 -2.77 1.48 -6.20
N THR A 45 -2.45 1.78 -4.95
CA THR A 45 -3.43 1.88 -3.89
C THR A 45 -3.15 3.15 -3.11
N PRO A 46 -4.12 3.65 -2.34
CA PRO A 46 -3.83 4.80 -1.47
C PRO A 46 -2.69 4.53 -0.50
N SER A 47 -2.56 3.31 0.03
CA SER A 47 -1.47 3.02 0.97
CA SER A 47 -1.48 3.05 0.98
C SER A 47 -0.11 3.09 0.29
N SER A 48 0.02 2.47 -0.88
CA SER A 48 1.33 2.43 -1.53
C SER A 48 1.71 3.79 -2.12
N ILE A 49 0.73 4.48 -2.71
CA ILE A 49 1.01 5.82 -3.24
C ILE A 49 1.38 6.77 -2.11
N SER A 50 0.64 6.71 -0.99
CA SER A 50 0.97 7.58 0.13
CA SER A 50 0.96 7.57 0.13
C SER A 50 2.29 7.20 0.77
N TYR A 51 2.65 5.91 0.75
CA TYR A 51 3.96 5.50 1.25
C TYR A 51 5.08 6.10 0.41
N LEU A 52 4.90 6.10 -0.91
CA LEU A 52 5.94 6.63 -1.79
C LEU A 52 6.08 8.15 -1.63
N LEU A 53 4.97 8.86 -1.50
CA LEU A 53 4.97 10.31 -1.53
C LEU A 53 4.83 10.95 -0.15
N ASN A 54 4.77 10.13 0.90
CA ASN A 54 4.65 10.61 2.29
C ASN A 54 3.43 11.51 2.47
N SER A 55 2.27 10.97 2.09
CA SER A 55 0.96 11.53 2.39
C SER A 55 0.31 10.65 3.46
N THR A 56 -1.02 10.62 3.50
CA THR A 56 -1.70 9.57 4.25
C THR A 56 -2.72 8.90 3.34
N PRO A 57 -3.03 7.63 3.58
CA PRO A 57 -4.05 6.97 2.74
C PRO A 57 -5.40 7.65 2.79
N SER A 58 -5.82 8.16 3.96
CA SER A 58 -7.13 8.79 4.06
CA SER A 58 -7.12 8.80 4.07
C SER A 58 -7.16 10.11 3.30
N LEU A 59 -6.05 10.85 3.28
CA LEU A 59 -6.01 12.10 2.52
C LEU A 59 -6.08 11.83 1.02
N VAL A 60 -5.34 10.81 0.56
CA VAL A 60 -5.42 10.41 -0.84
C VAL A 60 -6.82 9.92 -1.17
N ALA A 61 -7.42 9.12 -0.29
CA ALA A 61 -8.76 8.60 -0.55
C ALA A 61 -9.77 9.72 -0.68
N LYS A 62 -9.76 10.67 0.26
CA LYS A 62 -10.77 11.72 0.24
C LYS A 62 -10.54 12.68 -0.92
N SER A 63 -9.28 12.94 -1.28
CA SER A 63 -8.98 13.81 -2.40
C SER A 63 -9.45 13.24 -3.72
N ASN A 64 -9.58 11.92 -3.83
CA ASN A 64 -9.96 11.27 -5.07
C ASN A 64 -11.32 10.58 -5.00
N ASN A 65 -12.07 10.78 -3.90
CA ASN A 65 -13.42 10.23 -3.74
C ASN A 65 -13.42 8.69 -3.85
N ILE A 66 -12.44 8.05 -3.22
CA ILE A 66 -12.37 6.60 -3.15
C ILE A 66 -12.16 6.21 -1.68
N THR A 67 -12.22 4.90 -1.41
CA THR A 67 -11.86 4.44 -0.07
C THR A 67 -10.34 4.28 0.03
N ASP A 68 -9.86 4.17 1.27
CA ASP A 68 -8.43 4.13 1.51
C ASP A 68 -7.79 2.79 1.17
N VAL A 69 -8.57 1.81 0.69
CA VAL A 69 -8.03 0.52 0.27
C VAL A 69 -8.42 0.17 -1.16
N THR A 70 -9.09 1.07 -1.86
CA THR A 70 -9.53 0.80 -3.23
C THR A 70 -8.34 0.78 -4.18
N PRO A 71 -8.18 -0.26 -5.00
CA PRO A 71 -7.16 -0.23 -6.04
C PRO A 71 -7.48 0.84 -7.08
N ILE A 72 -6.43 1.44 -7.63
CA ILE A 72 -6.56 2.52 -8.61
C ILE A 72 -6.06 2.00 -9.95
N ILE A 73 -6.92 2.08 -10.97
CA ILE A 73 -6.59 1.58 -12.29
C ILE A 73 -5.30 2.23 -12.78
N THR A 74 -4.45 1.42 -13.43
CA THR A 74 -3.15 1.90 -13.90
C THR A 74 -3.32 3.11 -14.82
N ASP A 75 -2.39 4.05 -14.69
CA ASP A 75 -2.31 5.30 -15.44
C ASP A 75 -3.34 6.33 -15.01
N THR A 76 -4.15 6.04 -13.99
CA THR A 76 -5.06 7.04 -13.44
C THR A 76 -4.28 8.10 -12.70
N MET A 77 -4.48 9.36 -13.09
CA MET A 77 -3.88 10.47 -12.36
C MET A 77 -4.67 10.71 -11.09
N VAL A 78 -3.97 10.71 -9.96
CA VAL A 78 -4.59 10.93 -8.66
C VAL A 78 -3.96 12.16 -8.02
N THR A 79 -4.77 12.93 -7.30
CA THR A 79 -4.27 14.04 -6.51
C THR A 79 -3.80 13.53 -5.14
N VAL A 80 -2.72 14.12 -4.66
CA VAL A 80 -2.09 13.72 -3.40
C VAL A 80 -1.91 14.95 -2.52
N PRO A 81 -2.76 15.15 -1.49
CA PRO A 81 -2.54 16.28 -0.58
C PRO A 81 -1.25 16.10 0.19
N VAL A 82 -0.43 17.16 0.23
CA VAL A 82 0.83 17.15 0.98
C VAL A 82 1.00 18.51 1.65
N THR A 83 1.78 18.51 2.71
CA THR A 83 2.21 19.76 3.34
C THR A 83 3.45 20.27 2.62
N CYS A 84 3.44 21.53 2.22
CA CYS A 84 4.57 22.16 1.58
C CYS A 84 5.18 23.16 2.54
N SER A 85 6.50 23.08 2.73
CA SER A 85 7.18 23.92 3.70
CA SER A 85 7.19 23.91 3.71
C SER A 85 8.54 24.35 3.16
N CYS A 86 9.03 25.46 3.69
CA CYS A 86 10.32 25.99 3.27
C CYS A 86 11.45 25.24 3.97
N SER A 87 12.51 24.95 3.21
CA SER A 87 13.69 24.28 3.73
C SER A 87 14.88 24.76 2.93
N GLY A 88 15.77 25.52 3.57
CA GLY A 88 16.97 26.02 2.93
C GLY A 88 16.68 26.83 1.67
N GLY A 89 15.71 27.74 1.75
CA GLY A 89 15.37 28.60 0.63
C GLY A 89 14.51 27.97 -0.43
N ARG A 90 14.07 26.73 -0.25
CA ARG A 90 13.28 26.01 -1.24
C ARG A 90 11.96 25.55 -0.64
N TYR A 91 10.92 25.55 -1.46
CA TYR A 91 9.68 24.84 -1.14
C TYR A 91 9.84 23.38 -1.52
N GLN A 92 9.42 22.49 -0.63
CA GLN A 92 9.46 21.07 -0.97
C GLN A 92 8.62 20.30 0.04
N HIS A 93 8.25 19.09 -0.36
CA HIS A 93 7.61 18.13 0.53
C HIS A 93 8.55 16.93 0.66
N ASN A 94 8.99 16.66 1.88
CA ASN A 94 9.96 15.60 2.13
C ASN A 94 9.32 14.22 2.07
N ALA A 95 9.99 13.30 1.41
CA ALA A 95 9.62 11.89 1.41
C ALA A 95 10.89 11.07 1.55
N THR A 96 10.72 9.77 1.77
CA THR A 96 11.84 8.84 1.91
CA THR A 96 11.84 8.85 1.90
C THR A 96 11.67 7.71 0.91
N TYR A 97 12.79 7.24 0.36
CA TYR A 97 12.75 6.19 -0.65
C TYR A 97 13.87 5.19 -0.38
N ASN A 98 13.48 3.95 -0.08
CA ASN A 98 14.42 2.85 0.06
C ASN A 98 14.63 2.23 -1.31
N LEU A 99 15.88 2.15 -1.76
CA LEU A 99 16.17 1.57 -3.07
C LEU A 99 15.82 0.09 -3.09
N LYS A 100 15.08 -0.34 -4.11
CA LYS A 100 14.64 -1.72 -4.19
C LYS A 100 15.69 -2.61 -4.86
N LYS A 101 16.21 -2.20 -6.01
CA LYS A 101 17.14 -3.01 -6.77
C LYS A 101 18.42 -2.22 -7.05
N THR A 102 19.56 -2.90 -6.93
CA THR A 102 20.81 -2.31 -7.39
C THR A 102 20.76 -2.13 -8.90
N GLY A 103 20.97 -0.90 -9.33
CA GLY A 103 20.78 -0.54 -10.73
C GLY A 103 19.98 0.73 -10.84
N GLU A 104 19.15 1.00 -9.84
CA GLU A 104 18.49 2.29 -9.75
C GLU A 104 19.51 3.40 -9.62
N THR A 105 19.22 4.54 -10.22
CA THR A 105 20.08 5.71 -10.22
C THR A 105 19.30 6.90 -9.68
N TYR A 106 20.03 7.98 -9.38
CA TYR A 106 19.37 9.22 -9.01
C TYR A 106 18.37 9.65 -10.08
N PHE A 107 18.74 9.53 -11.35
CA PHE A 107 17.83 9.92 -12.41
C PHE A 107 16.65 8.96 -12.53
N SER A 108 16.90 7.65 -12.41
CA SER A 108 15.78 6.71 -12.52
C SER A 108 14.79 6.91 -11.38
N ILE A 109 15.28 7.28 -10.20
CA ILE A 109 14.39 7.53 -9.08
C ILE A 109 13.57 8.80 -9.32
N ALA A 110 14.22 9.85 -9.81
CA ALA A 110 13.50 11.10 -10.05
C ALA A 110 12.57 10.99 -11.25
N ASN A 111 13.05 10.40 -12.34
CA ASN A 111 12.31 10.45 -13.60
C ASN A 111 11.26 9.35 -13.69
N ASN A 112 11.62 8.12 -13.35
CA ASN A 112 10.70 7.01 -13.46
C ASN A 112 9.85 6.85 -12.19
N THR A 113 10.51 6.53 -11.08
CA THR A 113 9.79 6.19 -9.85
C THR A 113 8.90 7.34 -9.39
N TYR A 114 9.46 8.54 -9.30
CA TYR A 114 8.70 9.70 -8.82
C TYR A 114 8.11 10.53 -9.96
N GLN A 115 8.21 10.06 -11.20
CA GLN A 115 7.47 10.64 -12.33
C GLN A 115 7.74 12.14 -12.49
N SER A 116 9.00 12.53 -12.25
CA SER A 116 9.47 13.91 -12.36
CA SER A 116 9.49 13.89 -12.35
C SER A 116 8.90 14.83 -11.29
N LEU A 117 8.35 14.27 -10.21
CA LEU A 117 7.96 15.09 -9.07
C LEU A 117 9.15 15.57 -8.27
N THR A 118 10.34 15.04 -8.56
CA THR A 118 11.59 15.59 -8.06
C THR A 118 12.60 15.50 -9.19
N THR A 119 13.82 15.95 -8.93
CA THR A 119 14.84 16.00 -9.96
C THR A 119 16.09 15.28 -9.50
N CYS A 120 16.87 14.81 -10.48
CA CYS A 120 18.21 14.31 -10.23
C CYS A 120 19.02 15.28 -9.39
N GLN A 121 18.98 16.56 -9.76
CA GLN A 121 19.83 17.56 -9.11
C GLN A 121 19.46 17.74 -7.64
N ALA A 122 18.17 17.76 -7.34
CA ALA A 122 17.73 17.96 -5.95
C ALA A 122 18.03 16.73 -5.10
N LEU A 123 17.87 15.52 -5.67
CA LEU A 123 18.24 14.31 -4.94
C LEU A 123 19.72 14.31 -4.60
N MET A 124 20.57 14.63 -5.58
CA MET A 124 22.00 14.67 -5.32
C MET A 124 22.37 15.78 -4.36
N ALA A 125 21.66 16.90 -4.42
CA ALA A 125 21.96 18.01 -3.53
C ALA A 125 21.67 17.67 -2.07
N GLN A 126 20.66 16.84 -1.82
CA GLN A 126 20.18 16.59 -0.46
C GLN A 126 20.44 15.16 0.00
N ASN A 127 21.39 14.45 -0.63
CA ASN A 127 21.74 13.10 -0.25
C ASN A 127 23.25 12.91 -0.33
N PRO A 128 23.84 12.15 0.60
CA PRO A 128 25.31 12.03 0.63
C PRO A 128 25.90 11.02 -0.34
N TYR A 129 25.08 10.14 -0.91
CA TYR A 129 25.62 9.05 -1.72
C TYR A 129 26.14 9.57 -3.05
N ASP A 130 27.22 8.94 -3.53
CA ASP A 130 27.70 9.20 -4.87
C ASP A 130 26.78 8.53 -5.89
N ALA A 131 26.69 9.12 -7.09
CA ALA A 131 25.81 8.58 -8.12
C ALA A 131 26.22 7.17 -8.53
N LYS A 132 27.51 6.87 -8.46
CA LYS A 132 28.03 5.55 -8.80
C LYS A 132 27.96 4.57 -7.63
N ASN A 133 27.55 5.01 -6.45
CA ASN A 133 27.66 4.23 -5.23
C ASN A 133 26.30 4.04 -4.57
N LEU A 134 25.26 3.83 -5.36
CA LEU A 134 23.93 3.52 -4.86
C LEU A 134 23.68 2.01 -4.91
N PHE A 135 23.02 1.49 -3.89
CA PHE A 135 22.77 0.06 -3.80
C PHE A 135 21.37 -0.17 -3.22
N ALA A 136 20.84 -1.37 -3.48
CA ALA A 136 19.59 -1.79 -2.87
C ALA A 136 19.68 -1.67 -1.36
N GLY A 137 18.66 -1.06 -0.75
CA GLY A 137 18.61 -0.86 0.68
C GLY A 137 18.99 0.53 1.14
N ASP A 138 19.61 1.33 0.28
CA ASP A 138 19.97 2.70 0.65
C ASP A 138 18.73 3.55 0.82
N ASP A 139 18.73 4.40 1.84
CA ASP A 139 17.63 5.31 2.13
C ASP A 139 17.91 6.68 1.53
N LEU A 140 16.98 7.18 0.73
CA LEU A 140 17.13 8.47 0.06
C LEU A 140 16.12 9.47 0.61
N HIS A 141 16.60 10.67 0.91
CA HIS A 141 15.74 11.82 1.19
C HIS A 141 15.24 12.39 -0.13
N VAL A 142 13.92 12.48 -0.30
CA VAL A 142 13.32 12.87 -1.58
C VAL A 142 12.62 14.22 -1.45
N PRO A 143 13.14 15.29 -2.06
CA PRO A 143 12.44 16.58 -2.00
C PRO A 143 11.43 16.74 -3.12
N LEU A 144 10.15 16.50 -2.83
CA LEU A 144 9.11 16.58 -3.85
C LEU A 144 8.73 18.01 -4.14
N ARG A 145 8.45 18.28 -5.41
CA ARG A 145 8.23 19.66 -5.88
C ARG A 145 6.83 20.12 -5.53
N CYS A 146 6.75 21.19 -4.72
CA CYS A 146 5.50 21.84 -4.38
C CYS A 146 5.82 23.30 -4.13
N ALA A 147 4.77 24.11 -4.02
CA ALA A 147 4.94 25.52 -3.70
C ALA A 147 3.70 26.03 -2.98
N CYS A 148 3.86 27.16 -2.31
CA CYS A 148 2.77 27.87 -1.65
C CYS A 148 2.44 29.15 -2.42
N PRO A 149 1.16 29.54 -2.46
CA PRO A 149 0.79 30.74 -3.19
C PRO A 149 1.51 31.98 -2.65
N THR A 150 1.94 32.84 -3.57
CA THR A 150 2.51 34.13 -3.19
C THR A 150 1.41 35.05 -2.70
N LYS A 151 1.83 36.16 -2.07
CA LYS A 151 0.86 37.18 -1.66
C LYS A 151 -0.02 37.60 -2.82
N LYS A 152 0.59 37.83 -3.99
CA LYS A 152 -0.18 38.24 -5.16
C LYS A 152 -1.16 37.16 -5.57
N GLN A 153 -0.74 35.90 -5.53
CA GLN A 153 -1.65 34.81 -5.87
C GLN A 153 -2.77 34.70 -4.83
N SER A 154 -2.42 34.78 -3.54
CA SER A 154 -3.44 34.73 -2.50
C SER A 154 -4.41 35.90 -2.61
N ASP A 155 -3.90 37.09 -2.96
CA ASP A 155 -4.77 38.26 -3.09
C ASP A 155 -5.75 38.11 -4.24
N ALA A 156 -5.41 37.30 -5.25
CA ALA A 156 -6.31 37.03 -6.37
C ALA A 156 -7.28 35.90 -6.08
N GLY A 157 -7.20 35.27 -4.92
CA GLY A 157 -8.13 34.23 -4.54
C GLY A 157 -7.65 32.80 -4.75
N PHE A 158 -6.36 32.60 -5.00
CA PHE A 158 -5.82 31.25 -5.15
C PHE A 158 -5.42 30.73 -3.78
N LYS A 159 -6.04 29.62 -3.37
CA LYS A 159 -5.81 29.05 -2.04
C LYS A 159 -4.71 28.00 -2.02
N TYR A 160 -4.42 27.37 -3.15
CA TYR A 160 -3.40 26.34 -3.23
C TYR A 160 -2.66 26.43 -4.55
N LEU A 161 -1.48 25.81 -4.57
CA LEU A 161 -0.78 25.49 -5.80
C LEU A 161 -0.71 23.98 -5.92
N LEU A 162 -0.96 23.47 -7.12
CA LEU A 162 -0.93 22.04 -7.39
C LEU A 162 0.17 21.74 -8.40
N THR A 163 0.94 20.68 -8.13
CA THR A 163 1.99 20.23 -9.03
C THR A 163 1.39 19.22 -10.00
N TYR A 164 1.26 19.63 -11.26
CA TYR A 164 0.53 18.87 -12.28
C TYR A 164 1.53 18.24 -13.24
N LEU A 165 1.49 16.91 -13.33
CA LEU A 165 2.32 16.18 -14.28
C LEU A 165 1.63 16.21 -15.64
N VAL A 166 2.23 16.92 -16.59
CA VAL A 166 1.62 17.10 -17.90
C VAL A 166 1.76 15.82 -18.72
N SER A 167 0.68 15.43 -19.39
CA SER A 167 0.64 14.26 -20.24
C SER A 167 0.62 14.68 -21.71
N GLN A 168 0.83 13.69 -22.58
CA GLN A 168 0.74 13.90 -24.02
C GLN A 168 -0.60 14.51 -24.39
N GLY A 169 -0.56 15.47 -25.32
CA GLY A 169 -1.76 16.08 -25.84
C GLY A 169 -2.40 17.14 -24.95
N GLU A 170 -1.81 17.43 -23.80
CA GLU A 170 -2.32 18.49 -22.94
C GLU A 170 -1.62 19.81 -23.25
N SER A 171 -2.25 20.90 -22.82
CA SER A 171 -1.74 22.24 -23.03
C SER A 171 -2.14 23.07 -21.82
N PRO A 172 -1.47 24.21 -21.59
CA PRO A 172 -1.94 25.12 -20.54
C PRO A 172 -3.42 25.44 -20.63
N ASP A 173 -3.96 25.57 -21.85
CA ASP A 173 -5.39 25.82 -22.03
C ASP A 173 -6.22 24.68 -21.45
N SER A 174 -5.92 23.44 -21.83
CA SER A 174 -6.73 22.32 -21.39
C SER A 174 -6.58 22.07 -19.90
N ILE A 175 -5.36 22.29 -19.37
CA ILE A 175 -5.11 22.05 -17.95
C ILE A 175 -5.83 23.08 -17.10
N ALA A 176 -5.82 24.34 -17.52
CA ALA A 176 -6.56 25.37 -16.80
C ALA A 176 -8.04 25.03 -16.73
N GLU A 177 -8.59 24.47 -17.81
CA GLU A 177 -10.01 24.17 -17.85
C GLU A 177 -10.39 23.08 -16.85
N ILE A 178 -9.49 22.12 -16.60
CA ILE A 178 -9.74 21.09 -15.61
C ILE A 178 -9.98 21.71 -14.24
N PHE A 179 -9.22 22.76 -13.92
CA PHE A 179 -9.23 23.33 -12.59
C PHE A 179 -10.02 24.64 -12.50
N GLY A 180 -10.76 24.99 -13.54
CA GLY A 180 -11.64 26.14 -13.49
C GLY A 180 -10.93 27.46 -13.28
N VAL A 181 -9.73 27.62 -13.85
CA VAL A 181 -8.97 28.84 -13.75
C VAL A 181 -8.62 29.32 -15.15
N ASP A 182 -8.24 30.59 -15.24
CA ASP A 182 -7.84 31.16 -16.53
C ASP A 182 -6.50 30.61 -16.97
N THR A 183 -6.33 30.48 -18.30
CA THR A 183 -5.06 30.02 -18.83
C THR A 183 -3.92 30.94 -18.42
N GLN A 184 -4.16 32.25 -18.42
CA GLN A 184 -3.12 33.19 -18.03
C GLN A 184 -2.63 32.97 -16.61
N SER A 185 -3.51 32.51 -15.72
N SER A 185 -3.52 32.51 -15.72
CA SER A 185 -3.10 32.24 -14.34
CA SER A 185 -3.10 32.24 -14.34
C SER A 185 -2.11 31.09 -14.28
C SER A 185 -2.11 31.09 -14.28
N VAL A 186 -2.29 30.07 -15.12
CA VAL A 186 -1.35 28.96 -15.15
C VAL A 186 -0.01 29.42 -15.70
N LEU A 187 -0.02 30.19 -16.78
CA LEU A 187 1.22 30.70 -17.34
C LEU A 187 1.94 31.57 -16.32
N ASP A 188 1.20 32.48 -15.68
CA ASP A 188 1.81 33.38 -14.68
C ASP A 188 2.42 32.58 -13.54
N ALA A 189 1.76 31.50 -13.12
CA ALA A 189 2.25 30.68 -12.02
C ALA A 189 3.61 30.06 -12.33
N ASN A 190 3.94 29.89 -13.62
CA ASN A 190 5.20 29.25 -14.02
C ASN A 190 6.10 30.21 -14.78
N GLU A 191 5.83 31.52 -14.69
CA GLU A 191 6.61 32.54 -15.38
C GLU A 191 6.76 32.22 -16.87
N LEU A 192 5.66 31.78 -17.47
CA LEU A 192 5.59 31.54 -18.91
C LEU A 192 4.76 32.66 -19.54
N ASP A 193 4.86 32.77 -20.86
CA ASP A 193 4.04 33.72 -21.59
C ASP A 193 3.18 32.97 -22.61
N SER A 194 2.28 33.72 -23.26
CA SER A 194 1.35 33.11 -24.21
C SER A 194 2.08 32.36 -25.31
N LYS A 195 3.31 32.75 -25.62
CA LYS A 195 4.11 32.10 -26.66
C LYS A 195 5.27 31.37 -26.00
N SER A 196 4.93 30.33 -25.25
CA SER A 196 5.92 29.50 -24.57
CA SER A 196 5.92 29.51 -24.58
C SER A 196 5.74 28.05 -24.97
N VAL A 197 6.77 27.25 -24.71
CA VAL A 197 6.73 25.82 -24.94
C VAL A 197 6.53 25.15 -23.59
N VAL A 198 5.56 24.24 -23.52
CA VAL A 198 5.31 23.41 -22.34
C VAL A 198 5.57 21.97 -22.71
N PHE A 199 6.30 21.26 -21.85
CA PHE A 199 6.78 19.92 -22.15
C PHE A 199 5.94 18.85 -21.45
N TYR A 200 5.58 17.82 -22.20
CA TYR A 200 5.00 16.63 -21.61
C TYR A 200 5.95 16.07 -20.56
N PHE A 201 5.38 15.54 -19.47
CA PHE A 201 6.05 14.80 -18.42
C PHE A 201 6.83 15.72 -17.49
N THR A 202 6.82 17.04 -17.71
CA THR A 202 7.43 17.97 -16.78
C THR A 202 6.37 18.54 -15.85
N PRO A 203 6.65 18.67 -14.55
CA PRO A 203 5.65 19.24 -13.64
C PRO A 203 5.37 20.71 -13.95
N LEU A 204 4.10 21.09 -13.84
CA LEU A 204 3.63 22.44 -14.09
C LEU A 204 2.77 22.86 -12.91
N LEU A 205 2.97 24.08 -12.40
CA LEU A 205 2.16 24.55 -11.29
C LEU A 205 0.83 25.10 -11.78
N VAL A 206 -0.23 24.74 -11.07
CA VAL A 206 -1.60 25.17 -11.36
C VAL A 206 -2.15 25.85 -10.11
N PRO A 207 -2.45 27.14 -10.14
CA PRO A 207 -3.07 27.78 -8.97
C PRO A 207 -4.53 27.40 -8.88
N LEU A 208 -4.99 27.13 -7.67
CA LEU A 208 -6.34 26.64 -7.42
C LEU A 208 -7.12 27.63 -6.57
N LYS A 209 -8.36 27.91 -6.99
CA LYS A 209 -9.29 28.71 -6.20
C LYS A 209 -10.04 27.88 -5.17
N THR A 210 -9.98 26.55 -5.27
CA THR A 210 -10.64 25.65 -4.33
C THR A 210 -9.93 24.32 -4.42
N GLU A 211 -10.40 23.34 -3.66
CA GLU A 211 -9.77 22.03 -3.71
C GLU A 211 -9.94 21.43 -5.10
N PRO A 212 -8.97 20.64 -5.56
CA PRO A 212 -9.02 20.10 -6.91
C PRO A 212 -10.19 19.13 -7.07
N PRO A 213 -10.63 18.87 -8.30
CA PRO A 213 -11.73 17.92 -8.51
C PRO A 213 -11.34 16.53 -8.03
N ALA A 214 -12.37 15.72 -7.74
CA ALA A 214 -12.12 14.36 -7.27
C ALA A 214 -11.54 13.48 -8.36
N ARG A 215 -11.86 13.76 -9.63
CA ARG A 215 -11.33 13.01 -10.76
C ARG A 215 -10.84 13.98 -11.82
N LEU A 216 -9.65 13.70 -12.35
CA LEU A 216 -9.05 14.55 -13.37
C LEU A 216 -9.28 14.00 -14.78
N PCA B 1 2.56 -17.05 30.21
CA PCA B 1 1.33 -17.73 29.87
CB PCA B 1 1.06 -18.84 30.89
CG PCA B 1 2.41 -18.93 31.60
CD PCA B 1 3.22 -17.71 31.19
OE PCA B 1 4.28 -17.36 31.67
C PCA B 1 0.12 -16.80 29.78
O PCA B 1 -0.02 -15.88 30.59
N GLN B 2 -0.73 -17.05 28.80
CA GLN B 2 -2.01 -16.37 28.67
C GLN B 2 -3.08 -17.43 28.46
N GLU B 3 -4.33 -17.11 28.81
CA GLU B 3 -5.41 -18.06 28.58
C GLU B 3 -5.68 -18.21 27.09
N TYR B 4 -6.11 -19.41 26.70
CA TYR B 4 -6.41 -19.68 25.29
C TYR B 4 -7.80 -19.18 24.93
N LEU B 5 -7.91 -18.57 23.75
CA LEU B 5 -9.18 -17.98 23.32
C LEU B 5 -10.29 -19.01 23.21
N ASN B 6 -9.96 -20.24 22.79
CA ASN B 6 -10.85 -21.39 22.91
C ASN B 6 -12.15 -21.22 22.13
N ASN B 7 -12.08 -20.54 20.98
CA ASN B 7 -13.25 -20.26 20.12
C ASN B 7 -14.29 -19.36 20.80
N ASN B 8 -13.96 -18.75 21.93
CA ASN B 8 -14.92 -17.88 22.61
C ASN B 8 -15.23 -16.62 21.80
N GLN B 9 -14.35 -16.25 20.87
CA GLN B 9 -14.56 -15.05 20.07
C GLN B 9 -15.59 -15.25 18.96
N LEU B 10 -16.05 -16.48 18.74
CA LEU B 10 -17.01 -16.72 17.66
C LEU B 10 -18.43 -16.28 17.99
N ASP B 11 -18.72 -15.99 19.25
CA ASP B 11 -20.02 -15.48 19.67
C ASP B 11 -19.81 -14.16 20.41
N CYS B 12 -20.37 -13.07 19.86
CA CYS B 12 -20.18 -11.75 20.44
C CYS B 12 -20.77 -11.64 21.84
N ASP B 13 -21.75 -12.48 22.19
CA ASP B 13 -22.33 -12.50 23.53
C ASP B 13 -21.46 -13.25 24.54
N ASN B 14 -20.47 -14.01 24.08
CA ASN B 14 -19.56 -14.71 24.98
C ASN B 14 -18.76 -13.69 25.79
N THR B 15 -18.66 -13.91 27.10
CA THR B 15 -18.02 -12.96 27.99
C THR B 15 -16.77 -13.54 28.67
N HIS B 16 -16.15 -14.57 28.09
CA HIS B 16 -14.98 -15.16 28.72
C HIS B 16 -13.85 -14.13 28.81
N ASN B 17 -13.10 -14.20 29.91
CA ASN B 17 -12.05 -13.23 30.20
C ASN B 17 -11.09 -13.06 29.02
N SER B 18 -10.81 -14.16 28.30
CA SER B 18 -9.80 -14.12 27.26
C SER B 18 -10.22 -13.25 26.08
N THR B 19 -11.53 -13.09 25.84
CA THR B 19 -11.98 -12.33 24.68
C THR B 19 -11.66 -10.84 24.79
N TYR B 20 -11.43 -10.33 26.00
CA TYR B 20 -11.10 -8.92 26.16
C TYR B 20 -9.62 -8.64 25.96
N GLY B 21 -8.80 -9.67 25.73
CA GLY B 21 -7.41 -9.47 25.39
C GLY B 21 -6.47 -10.20 26.33
N ASN B 22 -5.22 -10.37 25.89
CA ASN B 22 -4.19 -10.90 26.78
C ASN B 22 -4.04 -9.97 27.98
N VAL B 23 -3.65 -10.54 29.11
CA VAL B 23 -3.60 -9.82 30.37
C VAL B 23 -2.20 -9.27 30.59
N CYS B 24 -2.12 -8.02 31.05
CA CYS B 24 -0.85 -7.38 31.39
C CYS B 24 -0.26 -8.08 32.61
N ASN B 25 0.77 -8.90 32.39
CA ASN B 25 1.40 -9.60 33.51
C ASN B 25 2.91 -9.60 33.43
N SER B 26 3.50 -8.67 32.70
CA SER B 26 4.96 -8.57 32.61
C SER B 26 5.39 -7.12 32.37
N VAL B 27 6.35 -6.91 31.47
CA VAL B 27 6.86 -5.56 31.23
C VAL B 27 5.80 -4.72 30.52
N THR B 28 5.89 -3.41 30.71
CA THR B 28 4.87 -2.50 30.20
C THR B 28 4.85 -2.45 28.68
N SER B 29 5.98 -2.68 28.03
CA SER B 29 6.07 -2.59 26.58
C SER B 29 7.21 -3.47 26.10
N CYS B 30 7.07 -3.98 24.87
CA CYS B 30 8.06 -4.89 24.32
C CYS B 30 7.81 -5.05 22.82
N GLN B 31 8.81 -5.58 22.13
CA GLN B 31 8.66 -5.95 20.73
CA GLN B 31 8.66 -5.94 20.74
C GLN B 31 7.89 -7.26 20.63
N SER B 32 6.96 -7.32 19.68
CA SER B 32 6.14 -8.50 19.47
CA SER B 32 6.17 -8.53 19.46
C SER B 32 5.91 -8.69 17.97
N TYR B 33 5.16 -9.73 17.63
CA TYR B 33 4.85 -10.03 16.24
C TYR B 33 3.41 -10.47 16.10
N LEU B 34 2.78 -10.03 15.02
CA LEU B 34 1.52 -10.59 14.54
C LEU B 34 1.81 -11.42 13.30
N THR B 35 0.81 -12.20 12.90
CA THR B 35 0.81 -12.84 11.60
C THR B 35 -0.48 -12.49 10.89
N PHE B 36 -0.48 -12.60 9.57
CA PHE B 36 -1.59 -12.10 8.75
C PHE B 36 -1.49 -12.74 7.38
N LYS B 37 -2.62 -13.26 6.88
CA LYS B 37 -2.65 -13.89 5.57
C LYS B 37 -2.95 -12.82 4.53
N SER B 38 -2.04 -12.69 3.55
CA SER B 38 -2.22 -11.71 2.50
CA SER B 38 -2.23 -11.72 2.49
C SER B 38 -3.57 -11.90 1.81
N SER B 39 -4.26 -10.80 1.55
CA SER B 39 -5.58 -10.83 0.94
C SER B 39 -5.59 -9.83 -0.21
N SER B 40 -5.85 -10.33 -1.40
CA SER B 40 -5.93 -9.46 -2.57
C SER B 40 -7.37 -8.97 -2.76
N PRO B 41 -7.56 -7.75 -3.26
CA PRO B 41 -6.56 -6.75 -3.65
C PRO B 41 -6.28 -5.69 -2.59
N GLU B 42 -6.92 -5.75 -1.42
CA GLU B 42 -6.87 -4.65 -0.46
CA GLU B 42 -6.86 -4.64 -0.48
C GLU B 42 -5.70 -4.72 0.50
N TYR B 43 -5.27 -5.93 0.88
CA TYR B 43 -4.22 -6.10 1.90
C TYR B 43 -3.19 -7.13 1.44
N ASN B 44 -2.46 -6.81 0.36
CA ASN B 44 -1.51 -7.75 -0.22
C ASN B 44 -0.16 -7.11 -0.54
N THR B 45 0.15 -5.97 0.07
CA THR B 45 1.45 -5.35 -0.04
C THR B 45 1.91 -4.96 1.35
N PRO B 46 3.22 -4.76 1.54
CA PRO B 46 3.70 -4.22 2.83
C PRO B 46 3.03 -2.90 3.21
N SER B 47 2.74 -2.03 2.24
CA SER B 47 2.07 -0.77 2.55
C SER B 47 0.67 -0.99 3.12
N SER B 48 -0.13 -1.81 2.43
CA SER B 48 -1.53 -1.93 2.85
C SER B 48 -1.69 -2.79 4.09
N ILE B 49 -0.85 -3.81 4.25
CA ILE B 49 -0.89 -4.62 5.46
C ILE B 49 -0.47 -3.78 6.66
N SER B 50 0.62 -3.03 6.51
CA SER B 50 1.06 -2.16 7.59
CA SER B 50 1.07 -2.15 7.59
CA SER B 50 1.07 -2.15 7.59
C SER B 50 0.03 -1.08 7.92
N TYR B 51 -0.72 -0.61 6.91
CA TYR B 51 -1.77 0.36 7.18
C TYR B 51 -2.88 -0.27 8.01
N LEU B 52 -3.28 -1.49 7.67
CA LEU B 52 -4.33 -2.17 8.41
C LEU B 52 -3.90 -2.46 9.85
N LEU B 53 -2.67 -2.90 10.03
CA LEU B 53 -2.22 -3.42 11.33
C LEU B 53 -1.39 -2.41 12.11
N ASN B 54 -1.18 -1.21 11.56
CA ASN B 54 -0.39 -0.17 12.19
C ASN B 54 1.03 -0.66 12.53
N SER B 55 1.72 -1.11 11.49
CA SER B 55 3.13 -1.41 11.53
C SER B 55 3.85 -0.38 10.64
N THR B 56 5.02 -0.74 10.13
CA THR B 56 5.61 0.06 9.06
C THR B 56 5.92 -0.86 7.89
N PRO B 57 5.87 -0.34 6.67
CA PRO B 57 6.19 -1.18 5.50
C PRO B 57 7.60 -1.75 5.55
N SER B 58 8.58 -0.99 6.02
CA SER B 58 9.95 -1.51 6.05
CA SER B 58 9.96 -1.50 6.06
C SER B 58 10.11 -2.62 7.08
N LEU B 59 9.38 -2.55 8.19
CA LEU B 59 9.43 -3.62 9.18
C LEU B 59 8.83 -4.91 8.63
N VAL B 60 7.71 -4.78 7.90
CA VAL B 60 7.11 -5.95 7.26
C VAL B 60 8.04 -6.53 6.22
N ALA B 61 8.65 -5.66 5.41
CA ALA B 61 9.56 -6.12 4.36
C ALA B 61 10.74 -6.90 4.93
N LYS B 62 11.35 -6.38 5.99
CA LYS B 62 12.53 -7.03 6.54
C LYS B 62 12.17 -8.30 7.29
N SER B 63 11.02 -8.31 7.97
CA SER B 63 10.60 -9.50 8.68
C SER B 63 10.33 -10.66 7.72
N ASN B 64 9.98 -10.35 6.47
CA ASN B 64 9.62 -11.36 5.50
C ASN B 64 10.60 -11.45 4.34
N ASN B 65 11.71 -10.71 4.39
CA ASN B 65 12.78 -10.79 3.39
C ASN B 65 12.25 -10.46 1.99
N ILE B 66 11.40 -9.43 1.90
CA ILE B 66 10.92 -8.89 0.64
C ILE B 66 11.19 -7.38 0.65
N THR B 67 10.89 -6.73 -0.48
CA THR B 67 10.98 -5.27 -0.52
C THR B 67 9.68 -4.67 -0.01
N ASP B 68 9.75 -3.38 0.34
CA ASP B 68 8.60 -2.71 0.94
C ASP B 68 7.49 -2.39 -0.06
N VAL B 69 7.63 -2.76 -1.33
CA VAL B 69 6.56 -2.61 -2.31
C VAL B 69 6.21 -3.89 -3.02
N THR B 70 6.85 -5.01 -2.68
CA THR B 70 6.59 -6.27 -3.36
C THR B 70 5.18 -6.76 -3.09
N PRO B 71 4.39 -7.06 -4.13
CA PRO B 71 3.08 -7.69 -3.88
C PRO B 71 3.24 -9.07 -3.28
N ILE B 72 2.41 -9.37 -2.28
CA ILE B 72 2.47 -10.64 -1.56
C ILE B 72 1.35 -11.54 -2.06
N ILE B 73 1.72 -12.74 -2.51
CA ILE B 73 0.76 -13.66 -3.09
C ILE B 73 -0.33 -13.97 -2.08
N THR B 74 -1.59 -13.96 -2.55
CA THR B 74 -2.74 -14.17 -1.70
C THR B 74 -2.60 -15.44 -0.87
N ASP B 75 -3.00 -15.35 0.40
CA ASP B 75 -3.03 -16.41 1.40
C ASP B 75 -1.63 -16.72 1.96
N THR B 76 -0.58 -16.06 1.49
CA THR B 76 0.71 -16.16 2.16
C THR B 76 0.62 -15.56 3.55
N MET B 77 1.05 -16.32 4.55
CA MET B 77 1.12 -15.83 5.92
C MET B 77 2.41 -15.05 6.09
N VAL B 78 2.29 -13.78 6.48
CA VAL B 78 3.45 -12.93 6.66
C VAL B 78 3.54 -12.52 8.12
N THR B 79 4.77 -12.29 8.59
CA THR B 79 5.01 -11.80 9.93
CA THR B 79 4.98 -11.79 9.94
C THR B 79 4.95 -10.28 9.95
N VAL B 80 4.42 -9.72 11.04
CA VAL B 80 4.22 -8.28 11.17
C VAL B 80 4.78 -7.82 12.52
N PRO B 81 5.94 -7.17 12.55
CA PRO B 81 6.45 -6.65 13.83
C PRO B 81 5.59 -5.50 14.34
N VAL B 82 5.21 -5.58 15.61
CA VAL B 82 4.45 -4.53 16.27
C VAL B 82 4.98 -4.34 17.68
N THR B 83 4.68 -3.19 18.26
CA THR B 83 4.96 -2.92 19.66
C THR B 83 3.75 -3.30 20.49
N CYS B 84 3.98 -4.10 21.53
CA CYS B 84 2.93 -4.56 22.43
C CYS B 84 3.07 -3.80 23.75
N SER B 85 1.96 -3.26 24.26
CA SER B 85 1.99 -2.44 25.45
CA SER B 85 1.99 -2.44 25.45
C SER B 85 0.74 -2.68 26.29
N CYS B 86 0.87 -2.43 27.59
CA CYS B 86 -0.26 -2.58 28.51
C CYS B 86 -1.13 -1.34 28.47
N SER B 87 -2.44 -1.54 28.41
CA SER B 87 -3.40 -0.46 28.57
C SER B 87 -4.68 -1.05 29.15
N GLY B 88 -5.13 -0.48 30.27
CA GLY B 88 -6.33 -0.99 30.92
C GLY B 88 -6.19 -2.42 31.38
N GLY B 89 -4.99 -2.82 31.82
CA GLY B 89 -4.76 -4.16 32.32
C GLY B 89 -4.61 -5.23 31.26
N ARG B 90 -4.60 -4.86 29.98
CA ARG B 90 -4.47 -5.81 28.89
C ARG B 90 -3.24 -5.48 28.04
N TYR B 91 -2.67 -6.51 27.43
CA TYR B 91 -1.68 -6.32 26.38
C TYR B 91 -2.39 -6.15 25.05
N GLN B 92 -1.97 -5.16 24.26
CA GLN B 92 -2.56 -5.00 22.95
C GLN B 92 -1.69 -4.09 22.11
N HIS B 93 -1.93 -4.13 20.81
CA HIS B 93 -1.33 -3.22 19.84
C HIS B 93 -2.46 -2.46 19.16
N ASN B 94 -2.52 -1.15 19.36
CA ASN B 94 -3.62 -0.37 18.80
C ASN B 94 -3.42 -0.18 17.31
N ALA B 95 -4.50 -0.38 16.55
CA ALA B 95 -4.59 0.06 15.17
C ALA B 95 -5.89 0.83 15.02
N THR B 96 -6.00 1.59 13.94
CA THR B 96 -7.19 2.35 13.61
CA THR B 96 -7.20 2.33 13.62
C THR B 96 -7.79 1.79 12.32
N TYR B 97 -9.11 1.67 12.29
CA TYR B 97 -9.82 1.12 11.15
C TYR B 97 -11.00 2.00 10.81
N ASN B 98 -10.97 2.58 9.62
CA ASN B 98 -12.09 3.35 9.09
C ASN B 98 -12.98 2.40 8.29
N LEU B 99 -14.25 2.30 8.67
CA LEU B 99 -15.17 1.42 7.95
C LEU B 99 -15.30 1.87 6.50
N LYS B 100 -15.21 0.91 5.57
CA LYS B 100 -15.29 1.21 4.15
C LYS B 100 -16.72 1.16 3.63
N LYS B 101 -17.57 0.29 4.18
CA LYS B 101 -18.91 0.08 3.67
C LYS B 101 -19.88 -0.05 4.84
N THR B 102 -21.04 0.59 4.70
CA THR B 102 -22.12 0.34 5.65
C THR B 102 -22.58 -1.10 5.53
N GLY B 103 -22.68 -1.79 6.67
CA GLY B 103 -22.92 -3.22 6.72
C GLY B 103 -21.83 -3.99 7.41
N GLU B 104 -20.61 -3.44 7.49
CA GLU B 104 -19.59 -4.02 8.33
C GLU B 104 -20.05 -4.01 9.79
N THR B 105 -19.70 -5.05 10.52
CA THR B 105 -20.07 -5.21 11.91
C THR B 105 -18.83 -5.39 12.77
N TYR B 106 -19.00 -5.28 14.08
CA TYR B 106 -17.90 -5.59 14.99
C TYR B 106 -17.34 -6.97 14.72
N PHE B 107 -18.22 -7.95 14.49
CA PHE B 107 -17.74 -9.30 14.21
C PHE B 107 -17.06 -9.39 12.85
N SER B 108 -17.64 -8.77 11.81
CA SER B 108 -17.00 -8.85 10.50
C SER B 108 -15.62 -8.23 10.51
N ILE B 109 -15.45 -7.15 11.28
CA ILE B 109 -14.16 -6.49 11.38
C ILE B 109 -13.17 -7.34 12.16
N ALA B 110 -13.60 -7.88 13.30
CA ALA B 110 -12.71 -8.74 14.08
C ALA B 110 -12.40 -10.02 13.34
N ASN B 111 -13.43 -10.69 12.82
CA ASN B 111 -13.26 -12.04 12.30
C ASN B 111 -12.73 -12.06 10.87
N ASN B 112 -13.32 -11.26 9.99
CA ASN B 112 -12.93 -11.29 8.58
C ASN B 112 -11.79 -10.35 8.29
N THR B 113 -11.99 -9.05 8.54
CA THR B 113 -10.98 -8.06 8.16
C THR B 113 -9.67 -8.29 8.89
N TYR B 114 -9.73 -8.49 10.20
CA TYR B 114 -8.52 -8.66 11.00
C TYR B 114 -8.19 -10.13 11.29
N GLN B 115 -8.93 -11.07 10.69
CA GLN B 115 -8.57 -12.49 10.69
C GLN B 115 -8.39 -13.04 12.10
N SER B 116 -9.25 -12.57 13.01
CA SER B 116 -9.27 -12.98 14.42
CA SER B 116 -9.28 -12.97 14.42
C SER B 116 -8.05 -12.49 15.20
N LEU B 117 -7.34 -11.50 14.67
CA LEU B 117 -6.27 -10.85 15.45
C LEU B 117 -6.84 -9.93 16.51
N THR B 118 -8.14 -9.70 16.51
CA THR B 118 -8.85 -9.07 17.60
C THR B 118 -10.19 -9.77 17.74
N THR B 119 -10.98 -9.34 18.71
CA THR B 119 -12.24 -10.01 18.99
C THR B 119 -13.39 -9.02 18.95
N CYS B 120 -14.57 -9.53 18.64
CA CYS B 120 -15.80 -8.75 18.78
C CYS B 120 -15.89 -8.12 20.16
N GLN B 121 -15.56 -8.89 21.21
CA GLN B 121 -15.70 -8.39 22.57
C GLN B 121 -14.75 -7.23 22.85
N ALA B 122 -13.50 -7.34 22.39
CA ALA B 122 -12.54 -6.28 22.63
C ALA B 122 -12.89 -5.02 21.86
N LEU B 123 -13.37 -5.16 20.62
CA LEU B 123 -13.79 -4.01 19.83
C LEU B 123 -14.95 -3.28 20.51
N MET B 124 -15.97 -4.02 20.96
CA MET B 124 -17.09 -3.38 21.62
C MET B 124 -16.68 -2.72 22.93
N ALA B 125 -15.70 -3.30 23.62
CA ALA B 125 -15.31 -2.77 24.92
C ALA B 125 -14.55 -1.46 24.80
N GLN B 126 -13.87 -1.22 23.67
CA GLN B 126 -12.98 -0.08 23.50
C GLN B 126 -13.45 0.88 22.42
N ASN B 127 -14.73 0.83 22.05
CA ASN B 127 -15.31 1.75 21.09
C ASN B 127 -16.70 2.15 21.56
N PRO B 128 -17.12 3.39 21.29
CA PRO B 128 -18.40 3.88 21.83
C PRO B 128 -19.63 3.54 21.02
N TYR B 129 -19.49 3.09 19.78
CA TYR B 129 -20.64 2.92 18.91
C TYR B 129 -21.46 1.70 19.31
N ASP B 130 -22.78 1.84 19.21
CA ASP B 130 -23.67 0.69 19.35
C ASP B 130 -23.45 -0.27 18.19
N ALA B 131 -23.53 -1.57 18.48
CA ALA B 131 -23.20 -2.58 17.48
C ALA B 131 -24.06 -2.45 16.23
N LYS B 132 -25.29 -1.95 16.37
CA LYS B 132 -26.19 -1.75 15.24
C LYS B 132 -26.14 -0.33 14.69
N ASN B 133 -25.15 0.47 15.11
CA ASN B 133 -25.07 1.88 14.72
C ASN B 133 -23.72 2.19 14.07
N LEU B 134 -23.16 1.23 13.32
CA LEU B 134 -21.91 1.43 12.62
C LEU B 134 -22.17 1.80 11.17
N PHE B 135 -21.45 2.82 10.69
CA PHE B 135 -21.63 3.35 9.34
C PHE B 135 -20.29 3.51 8.65
N ALA B 136 -20.31 3.41 7.33
CA ALA B 136 -19.12 3.70 6.54
C ALA B 136 -18.56 5.05 6.93
N GLY B 137 -17.24 5.10 7.15
CA GLY B 137 -16.58 6.31 7.58
C GLY B 137 -16.32 6.41 9.07
N ASP B 138 -16.93 5.53 9.87
CA ASP B 138 -16.62 5.50 11.30
C ASP B 138 -15.21 4.96 11.52
N ASP B 139 -14.50 5.58 12.45
CA ASP B 139 -13.17 5.13 12.84
C ASP B 139 -13.27 4.26 14.08
N LEU B 140 -12.58 3.12 14.07
CA LEU B 140 -12.59 2.18 15.18
C LEU B 140 -11.19 2.06 15.79
N HIS B 141 -11.13 2.02 17.11
CA HIS B 141 -9.92 1.66 17.82
C HIS B 141 -9.83 0.15 17.87
N VAL B 142 -8.77 -0.42 17.28
CA VAL B 142 -8.65 -1.86 17.12
C VAL B 142 -7.58 -2.37 18.08
N PRO B 143 -7.94 -3.08 19.14
CA PRO B 143 -6.92 -3.69 20.02
C PRO B 143 -6.45 -5.04 19.52
N LEU B 144 -5.30 -5.07 18.84
CA LEU B 144 -4.80 -6.30 18.25
C LEU B 144 -4.11 -7.15 19.31
N ARG B 145 -4.27 -8.47 19.19
CA ARG B 145 -3.85 -9.39 20.24
C ARG B 145 -2.35 -9.63 20.17
N CYS B 146 -1.66 -9.30 21.25
CA CYS B 146 -0.24 -9.58 21.39
C CYS B 146 0.04 -9.72 22.88
N ALA B 147 1.26 -10.16 23.20
CA ALA B 147 1.65 -10.26 24.60
C ALA B 147 3.15 -10.12 24.70
N CYS B 148 3.62 -9.75 25.91
CA CYS B 148 5.02 -9.69 26.21
C CYS B 148 5.43 -10.90 27.05
N PRO B 149 6.66 -11.38 26.88
CA PRO B 149 7.11 -12.53 27.66
C PRO B 149 7.04 -12.24 29.15
N THR B 150 6.49 -13.19 29.89
CA THR B 150 6.56 -13.11 31.35
C THR B 150 8.00 -13.23 31.81
N LYS B 151 8.23 -12.89 33.08
CA LYS B 151 9.57 -13.05 33.64
C LYS B 151 10.04 -14.49 33.51
N LYS B 152 9.14 -15.45 33.67
CA LYS B 152 9.52 -16.86 33.54
C LYS B 152 9.89 -17.20 32.09
N GLN B 153 9.17 -16.64 31.12
CA GLN B 153 9.52 -16.86 29.72
C GLN B 153 10.84 -16.17 29.37
N SER B 154 11.05 -14.96 29.89
CA SER B 154 12.30 -14.26 29.63
C SER B 154 13.51 -15.03 30.16
N ASP B 155 13.39 -15.61 31.36
CA ASP B 155 14.50 -16.36 31.93
C ASP B 155 14.81 -17.63 31.14
N ALA B 156 13.84 -18.16 30.41
CA ALA B 156 14.04 -19.35 29.59
C ALA B 156 14.60 -19.04 28.22
N GLY B 157 14.82 -17.76 27.90
CA GLY B 157 15.43 -17.36 26.64
C GLY B 157 14.47 -16.87 25.58
N PHE B 158 13.17 -16.81 25.88
CA PHE B 158 12.20 -16.37 24.88
C PHE B 158 12.18 -14.84 24.85
N LYS B 159 12.63 -14.28 23.73
CA LYS B 159 12.73 -12.84 23.57
C LYS B 159 11.45 -12.20 23.03
N TYR B 160 10.60 -12.98 22.35
CA TYR B 160 9.35 -12.46 21.81
C TYR B 160 8.24 -13.47 22.02
N LEU B 161 7.01 -12.96 21.98
CA LEU B 161 5.83 -13.77 21.76
C LEU B 161 5.22 -13.37 20.42
N LEU B 162 4.80 -14.37 19.64
CA LEU B 162 4.24 -14.15 18.32
C LEU B 162 2.80 -14.64 18.29
N THR B 163 1.90 -13.80 17.77
CA THR B 163 0.49 -14.18 17.65
C THR B 163 0.31 -14.93 16.33
N TYR B 164 0.08 -16.24 16.42
CA TYR B 164 0.07 -17.11 15.25
C TYR B 164 -1.36 -17.47 14.87
N LEU B 165 -1.75 -17.15 13.63
CA LEU B 165 -3.06 -17.51 13.13
C LEU B 165 -3.03 -18.97 12.66
N VAL B 166 -3.63 -19.87 13.45
CA VAL B 166 -3.59 -21.28 13.14
C VAL B 166 -4.41 -21.57 11.89
N SER B 167 -3.87 -22.40 11.00
CA SER B 167 -4.54 -22.81 9.78
C SER B 167 -4.92 -24.27 9.89
N GLN B 168 -5.79 -24.70 8.97
CA GLN B 168 -6.25 -26.08 8.96
C GLN B 168 -5.07 -27.03 8.77
N GLY B 169 -5.08 -28.13 9.53
CA GLY B 169 -4.03 -29.11 9.47
C GLY B 169 -2.82 -28.82 10.31
N GLU B 170 -2.85 -27.77 11.13
CA GLU B 170 -1.74 -27.45 12.02
C GLU B 170 -2.08 -27.89 13.45
N SER B 171 -1.05 -27.99 14.26
CA SER B 171 -1.17 -28.41 15.65
C SER B 171 -0.12 -27.66 16.45
N PRO B 172 -0.24 -27.63 17.79
CA PRO B 172 0.86 -27.09 18.60
C PRO B 172 2.21 -27.70 18.24
N ASP B 173 2.23 -28.99 17.93
CA ASP B 173 3.50 -29.66 17.61
C ASP B 173 4.08 -29.15 16.30
N SER B 174 3.27 -29.08 15.25
CA SER B 174 3.77 -28.64 13.95
C SER B 174 4.14 -27.16 13.97
N ILE B 175 3.42 -26.35 14.74
CA ILE B 175 3.71 -24.93 14.82
C ILE B 175 5.02 -24.69 15.57
N ALA B 176 5.23 -25.43 16.66
CA ALA B 176 6.49 -25.30 17.40
C ALA B 176 7.68 -25.64 16.51
N GLU B 177 7.51 -26.61 15.60
CA GLU B 177 8.61 -26.99 14.71
C GLU B 177 8.97 -25.85 13.76
N ILE B 178 7.96 -25.13 13.26
CA ILE B 178 8.20 -23.99 12.38
C ILE B 178 9.17 -23.02 13.04
N PHE B 179 8.98 -22.75 14.33
CA PHE B 179 9.73 -21.73 15.03
C PHE B 179 10.86 -22.27 15.88
N GLY B 180 11.16 -23.56 15.77
CA GLY B 180 12.29 -24.13 16.47
C GLY B 180 12.21 -24.05 17.98
N VAL B 181 11.03 -24.26 18.55
CA VAL B 181 10.85 -24.29 19.99
C VAL B 181 10.20 -25.62 20.38
N ASP B 182 10.25 -25.92 21.67
CA ASP B 182 9.63 -27.13 22.16
C ASP B 182 8.11 -27.01 22.14
N THR B 183 7.45 -28.12 21.76
CA THR B 183 5.99 -28.13 21.78
C THR B 183 5.45 -27.73 23.14
N GLN B 184 6.14 -28.13 24.21
CA GLN B 184 5.67 -27.83 25.56
C GLN B 184 5.66 -26.33 25.84
N SER B 185 6.62 -25.59 25.27
N SER B 185 6.62 -25.60 25.27
CA SER B 185 6.64 -24.15 25.46
CA SER B 185 6.64 -24.15 25.46
C SER B 185 5.45 -23.48 24.79
C SER B 185 5.45 -23.48 24.79
N VAL B 186 5.00 -24.02 23.65
CA VAL B 186 3.81 -23.48 22.99
C VAL B 186 2.57 -23.76 23.82
N LEU B 187 2.46 -24.98 24.37
CA LEU B 187 1.33 -25.31 25.24
C LEU B 187 1.32 -24.42 26.48
N ASP B 188 2.47 -24.28 27.13
CA ASP B 188 2.53 -23.49 28.36
C ASP B 188 2.22 -22.03 28.09
N ALA B 189 2.64 -21.50 26.93
CA ALA B 189 2.35 -20.12 26.57
C ALA B 189 0.87 -19.85 26.47
N ASN B 190 0.05 -20.87 26.20
CA ASN B 190 -1.38 -20.72 26.04
C ASN B 190 -2.18 -21.46 27.11
N GLU B 191 -1.52 -21.90 28.18
CA GLU B 191 -2.14 -22.71 29.24
C GLU B 191 -2.94 -23.87 28.65
N LEU B 192 -2.31 -24.57 27.70
CA LEU B 192 -2.85 -25.77 27.09
C LEU B 192 -2.03 -26.98 27.53
N ASP B 193 -2.58 -28.16 27.28
CA ASP B 193 -1.85 -29.40 27.52
C ASP B 193 -2.19 -30.38 26.40
N SER B 194 -1.69 -31.61 26.53
CA SER B 194 -1.85 -32.60 25.47
C SER B 194 -3.29 -33.04 25.28
N LYS B 195 -4.18 -32.74 26.22
CA LYS B 195 -5.59 -33.07 26.11
C LYS B 195 -6.44 -31.90 25.61
N SER B 196 -5.83 -30.78 25.26
CA SER B 196 -6.57 -29.62 24.81
C SER B 196 -7.11 -29.82 23.40
N VAL B 197 -8.13 -29.03 23.06
CA VAL B 197 -8.53 -28.83 21.67
C VAL B 197 -7.97 -27.50 21.20
N VAL B 198 -7.26 -27.52 20.08
CA VAL B 198 -6.76 -26.31 19.43
C VAL B 198 -7.58 -26.10 18.16
N PHE B 199 -8.06 -24.87 17.97
CA PHE B 199 -9.01 -24.56 16.90
C PHE B 199 -8.33 -23.84 15.75
N TYR B 200 -8.62 -24.30 14.53
CA TYR B 200 -8.22 -23.55 13.35
C TYR B 200 -8.81 -22.15 13.40
N PHE B 201 -8.03 -21.18 12.90
CA PHE B 201 -8.41 -19.78 12.74
C PHE B 201 -8.46 -19.04 14.07
N THR B 202 -8.10 -19.69 15.17
CA THR B 202 -7.96 -18.96 16.43
C THR B 202 -6.49 -18.62 16.67
N PRO B 203 -6.19 -17.40 17.13
CA PRO B 203 -4.79 -17.05 17.40
C PRO B 203 -4.21 -17.86 18.54
N LEU B 204 -2.92 -18.15 18.42
CA LEU B 204 -2.16 -18.96 19.37
C LEU B 204 -0.83 -18.30 19.60
N LEU B 205 -0.45 -18.09 20.86
CA LEU B 205 0.82 -17.46 21.17
C LEU B 205 1.96 -18.46 21.02
N VAL B 206 3.03 -18.04 20.34
CA VAL B 206 4.21 -18.86 20.15
C VAL B 206 5.39 -18.11 20.76
N PRO B 207 6.07 -18.65 21.76
CA PRO B 207 7.27 -18.00 22.28
C PRO B 207 8.44 -18.23 21.35
N LEU B 208 9.26 -17.18 21.17
CA LEU B 208 10.35 -17.18 20.21
C LEU B 208 11.67 -16.94 20.91
N LYS B 209 12.66 -17.78 20.60
CA LYS B 209 14.02 -17.55 21.08
C LYS B 209 14.78 -16.57 20.20
N THR B 210 14.32 -16.37 18.96
CA THR B 210 14.94 -15.44 18.02
C THR B 210 13.85 -14.88 17.15
N GLU B 211 14.23 -13.99 16.23
CA GLU B 211 13.28 -13.43 15.30
C GLU B 211 12.67 -14.54 14.44
N PRO B 212 11.41 -14.40 14.04
CA PRO B 212 10.76 -15.48 13.29
C PRO B 212 11.41 -15.68 11.93
N PRO B 213 11.27 -16.87 11.33
CA PRO B 213 11.84 -17.10 10.00
C PRO B 213 11.19 -16.18 8.97
N ALA B 214 11.95 -15.89 7.91
CA ALA B 214 11.45 -14.97 6.89
C ALA B 214 10.24 -15.56 6.16
N ARG B 215 10.24 -16.86 5.91
CA ARG B 215 9.10 -17.56 5.33
C ARG B 215 8.61 -18.58 6.34
N LEU B 216 7.29 -18.63 6.53
CA LEU B 216 6.71 -19.32 7.67
C LEU B 216 6.18 -20.72 7.38
N GLN B 217 5.89 -21.06 6.12
CA GLN B 217 5.23 -22.34 5.86
C GLN B 217 6.09 -23.51 6.31
N ILE B 218 5.43 -24.54 6.82
CA ILE B 218 6.08 -25.72 7.40
C ILE B 218 7.15 -26.28 6.47
N GLN C 2 1.01 20.53 -30.99
CA GLN C 2 2.17 20.66 -31.85
C GLN C 2 2.90 21.97 -31.62
N LEU C 3 3.81 22.33 -32.53
CA LEU C 3 4.69 23.48 -32.38
C LEU C 3 4.40 24.52 -33.44
N GLN C 4 4.49 25.79 -33.04
CA GLN C 4 4.39 26.92 -33.94
C GLN C 4 5.72 27.66 -33.94
N LEU C 5 6.19 28.03 -35.14
CA LEU C 5 7.44 28.74 -35.31
CA LEU C 5 7.45 28.74 -35.30
C LEU C 5 7.15 30.10 -35.91
N VAL C 6 7.80 31.14 -35.37
CA VAL C 6 7.65 32.51 -35.85
C VAL C 6 9.04 33.03 -36.16
N GLU C 7 9.33 33.26 -37.43
CA GLU C 7 10.61 33.79 -37.87
C GLU C 7 10.52 35.30 -38.06
N SER C 8 11.64 35.98 -37.84
CA SER C 8 11.70 37.43 -37.98
C SER C 8 13.13 37.85 -38.31
N GLY C 9 13.27 39.08 -38.80
CA GLY C 9 14.56 39.71 -38.92
C GLY C 9 15.19 39.72 -40.30
N GLY C 10 14.48 39.28 -41.33
CA GLY C 10 15.02 39.33 -42.67
C GLY C 10 14.91 40.72 -43.29
N GLY C 11 14.96 40.75 -44.62
CA GLY C 11 14.70 41.96 -45.37
C GLY C 11 15.81 42.28 -46.32
N LEU C 12 15.80 43.52 -46.81
CA LEU C 12 16.76 44.01 -47.79
C LEU C 12 17.96 44.64 -47.10
N VAL C 13 19.16 44.31 -47.58
CA VAL C 13 20.40 44.80 -47.00
C VAL C 13 21.41 45.04 -48.12
N GLN C 14 22.27 46.04 -47.95
CA GLN C 14 23.33 46.31 -48.91
C GLN C 14 24.45 45.28 -48.75
N ALA C 15 25.10 44.95 -49.87
CA ALA C 15 26.25 44.05 -49.83
C ALA C 15 27.28 44.55 -48.83
N GLY C 16 27.81 43.62 -48.05
CA GLY C 16 28.67 43.97 -46.93
C GLY C 16 27.92 44.24 -45.65
N GLY C 17 26.61 44.39 -45.70
CA GLY C 17 25.81 44.66 -44.52
C GLY C 17 25.59 43.41 -43.68
N SER C 18 24.74 43.58 -42.67
CA SER C 18 24.46 42.49 -41.75
C SER C 18 22.98 42.45 -41.42
N LEU C 19 22.53 41.28 -40.97
CA LEU C 19 21.16 41.09 -40.53
C LEU C 19 21.17 40.09 -39.39
N ARG C 20 20.10 40.12 -38.60
CA ARG C 20 19.91 39.18 -37.50
C ARG C 20 18.57 38.47 -37.69
N LEU C 21 18.61 37.17 -37.94
CA LEU C 21 17.38 36.38 -38.02
C LEU C 21 17.10 35.76 -36.67
N SER C 22 15.82 35.62 -36.34
CA SER C 22 15.44 34.98 -35.09
C SER C 22 14.19 34.15 -35.31
N CYS C 23 14.06 33.07 -34.54
CA CYS C 23 12.86 32.26 -34.61
C CYS C 23 12.44 31.89 -33.20
N ALA C 24 11.15 32.05 -32.91
CA ALA C 24 10.58 31.69 -31.61
C ALA C 24 9.67 30.48 -31.78
N THR C 25 9.76 29.56 -30.84
CA THR C 25 8.94 28.35 -30.81
CA THR C 25 8.93 28.36 -30.83
C THR C 25 7.90 28.44 -29.71
N SER C 26 6.71 27.92 -29.97
N SER C 26 6.70 27.95 -29.98
CA SER C 26 5.68 27.85 -28.95
CA SER C 26 5.63 27.89 -28.99
C SER C 26 4.83 26.62 -29.21
C SER C 26 4.83 26.62 -29.22
N GLY C 27 4.12 26.18 -28.17
CA GLY C 27 3.27 25.02 -28.26
C GLY C 27 3.67 23.96 -27.24
N THR C 28 3.48 22.71 -27.62
CA THR C 28 3.78 21.60 -26.73
C THR C 28 4.50 20.49 -27.48
N THR C 29 5.36 19.78 -26.75
CA THR C 29 6.10 18.62 -27.25
C THR C 29 6.69 17.92 -26.04
N PHE C 30 7.46 16.87 -26.29
CA PHE C 30 8.21 16.27 -25.19
C PHE C 30 9.59 16.91 -25.06
N ARG C 31 10.32 17.01 -26.17
CA ARG C 31 11.68 17.53 -26.15
C ARG C 31 11.95 18.31 -27.43
N LEU C 32 12.69 19.40 -27.29
CA LEU C 32 13.18 20.18 -28.42
C LEU C 32 14.66 19.85 -28.61
N ASN C 33 15.02 19.33 -29.77
CA ASN C 33 16.37 18.85 -30.03
C ASN C 33 17.10 19.90 -30.89
N THR C 34 17.72 19.52 -32.00
CA THR C 34 18.49 20.49 -32.77
CA THR C 34 18.49 20.48 -32.78
C THR C 34 17.59 21.55 -33.39
N MET C 35 18.07 22.78 -33.40
CA MET C 35 17.47 23.90 -34.10
C MET C 35 18.46 24.41 -35.13
N GLY C 36 17.95 25.01 -36.20
CA GLY C 36 18.89 25.45 -37.21
C GLY C 36 18.24 26.37 -38.22
N TRP C 37 19.08 26.82 -39.16
CA TRP C 37 18.65 27.69 -40.23
C TRP C 37 19.05 27.04 -41.55
N TYR C 38 18.09 26.99 -42.48
CA TYR C 38 18.32 26.55 -43.84
C TYR C 38 17.95 27.71 -44.77
N ARG C 39 18.36 27.61 -46.03
CA ARG C 39 18.02 28.64 -47.00
CA ARG C 39 18.03 28.64 -46.99
C ARG C 39 17.83 28.00 -48.37
N GLN C 40 16.95 28.62 -49.15
CA GLN C 40 16.67 28.18 -50.50
C GLN C 40 16.81 29.40 -51.40
N ALA C 41 17.90 29.45 -52.16
CA ALA C 41 18.10 30.50 -53.15
C ALA C 41 17.28 30.19 -54.39
N PRO C 42 17.07 31.17 -55.27
CA PRO C 42 16.33 30.91 -56.51
C PRO C 42 16.92 29.72 -57.28
N GLY C 43 16.05 28.79 -57.64
CA GLY C 43 16.47 27.63 -58.42
C GLY C 43 17.29 26.60 -57.67
N LYS C 44 17.40 26.70 -56.36
CA LYS C 44 18.27 25.82 -55.59
C LYS C 44 17.46 24.96 -54.63
N GLN C 45 18.12 23.95 -54.07
CA GLN C 45 17.52 23.17 -53.01
C GLN C 45 17.56 23.95 -51.70
N ARG C 46 16.75 23.52 -50.74
CA ARG C 46 16.84 24.07 -49.40
C ARG C 46 18.04 23.45 -48.71
N GLU C 47 19.04 24.27 -48.40
CA GLU C 47 20.32 23.77 -47.93
C GLU C 47 20.61 24.26 -46.53
N LEU C 48 21.37 23.45 -45.79
CA LEU C 48 21.73 23.80 -44.42
C LEU C 48 22.61 25.05 -44.41
N VAL C 49 22.33 25.94 -43.46
CA VAL C 49 23.18 27.09 -43.18
C VAL C 49 23.94 26.91 -41.87
N ALA C 50 23.20 26.66 -40.79
CA ALA C 50 23.83 26.41 -39.49
C ALA C 50 22.82 25.67 -38.62
N THR C 51 23.32 24.76 -37.79
CA THR C 51 22.49 24.12 -36.77
C THR C 51 23.17 24.24 -35.42
N ILE C 52 22.38 24.05 -34.37
CA ILE C 52 22.90 24.13 -33.01
C ILE C 52 22.09 23.19 -32.14
N SER C 53 22.77 22.33 -31.40
CA SER C 53 22.11 21.36 -30.54
C SER C 53 21.75 22.02 -29.20
N ARG C 54 20.99 21.29 -28.37
CA ARG C 54 20.64 21.84 -27.07
C ARG C 54 21.89 22.10 -26.23
N ASP C 55 22.93 21.29 -26.42
CA ASP C 55 24.21 21.47 -25.73
C ASP C 55 25.14 22.42 -26.46
N PHE C 56 24.64 23.13 -27.47
CA PHE C 56 25.32 24.22 -28.17
C PHE C 56 26.39 23.72 -29.14
N LYS C 57 26.38 22.45 -29.54
CA LYS C 57 27.23 22.01 -30.62
C LYS C 57 26.73 22.57 -31.94
N THR C 58 27.61 23.23 -32.68
CA THR C 58 27.22 23.92 -33.91
C THR C 58 27.73 23.18 -35.14
N ASN C 59 27.06 23.45 -36.26
CA ASN C 59 27.49 22.95 -37.57
C ASN C 59 27.18 24.03 -38.60
N TYR C 60 28.19 24.43 -39.36
CA TYR C 60 28.06 25.53 -40.31
C TYR C 60 28.33 25.04 -41.73
N ALA C 61 27.56 25.56 -42.70
CA ALA C 61 27.91 25.35 -44.10
C ALA C 61 29.22 26.04 -44.41
N ASP C 62 30.03 25.41 -45.28
CA ASP C 62 31.37 25.92 -45.57
C ASP C 62 31.31 27.33 -46.13
N SER C 63 30.35 27.61 -47.02
CA SER C 63 30.21 28.92 -47.65
C SER C 63 29.89 30.01 -46.65
N VAL C 64 29.72 29.65 -45.37
CA VAL C 64 29.13 30.55 -44.39
C VAL C 64 29.98 30.68 -43.13
N LYS C 65 30.92 29.77 -42.90
CA LYS C 65 31.77 29.79 -41.71
C LYS C 65 32.49 31.11 -41.57
N GLY C 66 32.55 31.61 -40.35
CA GLY C 66 33.20 32.87 -40.03
C GLY C 66 32.32 34.10 -40.14
N ARG C 67 31.44 34.13 -41.14
CA ARG C 67 30.56 35.29 -41.32
C ARG C 67 29.28 35.19 -40.52
N PHE C 68 28.76 33.97 -40.34
CA PHE C 68 27.50 33.74 -39.64
C PHE C 68 27.78 33.14 -38.27
N THR C 69 26.90 33.45 -37.32
CA THR C 69 26.99 32.87 -35.99
C THR C 69 25.59 32.48 -35.54
N ILE C 70 25.41 31.22 -35.17
CA ILE C 70 24.12 30.72 -34.69
C ILE C 70 24.14 30.70 -33.18
N SER C 71 23.01 31.04 -32.56
CA SER C 71 22.89 31.02 -31.11
C SER C 71 21.54 30.43 -30.74
N ARG C 72 21.41 30.06 -29.47
CA ARG C 72 20.24 29.34 -28.98
C ARG C 72 19.98 29.76 -27.55
N ASP C 73 18.71 30.02 -27.24
CA ASP C 73 18.28 30.39 -25.90
C ASP C 73 17.38 29.26 -25.42
N ASN C 74 17.87 28.45 -24.48
CA ASN C 74 17.10 27.32 -24.00
C ASN C 74 16.06 27.70 -22.95
N ALA C 75 16.11 28.92 -22.43
CA ALA C 75 15.07 29.36 -21.52
C ALA C 75 13.77 29.67 -22.27
N LYS C 76 13.89 30.38 -23.40
CA LYS C 76 12.73 30.79 -24.18
C LYS C 76 12.57 30.01 -25.48
N HIS C 77 13.52 29.13 -25.81
CA HIS C 77 13.45 28.26 -26.98
C HIS C 77 13.42 29.09 -28.28
N THR C 78 14.46 29.91 -28.41
CA THR C 78 14.70 30.74 -29.57
CA THR C 78 14.66 30.69 -29.61
C THR C 78 16.01 30.32 -30.22
N VAL C 79 16.15 30.56 -31.52
CA VAL C 79 17.40 30.33 -32.21
C VAL C 79 17.65 31.54 -33.11
N ASP C 80 18.85 32.09 -33.05
CA ASP C 80 19.19 33.31 -33.79
C ASP C 80 20.34 33.05 -34.74
N LEU C 81 20.36 33.80 -35.85
CA LEU C 81 21.44 33.71 -36.83
C LEU C 81 21.94 35.11 -37.14
N GLN C 82 23.14 35.44 -36.66
CA GLN C 82 23.79 36.70 -36.99
C GLN C 82 24.53 36.53 -38.30
N MET C 83 24.21 37.37 -39.30
CA MET C 83 24.75 37.22 -40.65
C MET C 83 25.52 38.48 -40.99
N ASN C 84 26.85 38.38 -41.04
CA ASN C 84 27.70 39.51 -41.35
C ASN C 84 28.32 39.35 -42.74
N SER C 85 28.80 40.48 -43.27
CA SER C 85 29.53 40.51 -44.54
C SER C 85 28.73 39.83 -45.64
N LEU C 86 27.46 40.19 -45.75
CA LEU C 86 26.55 39.56 -46.69
C LEU C 86 26.91 39.93 -48.13
N THR C 87 26.60 39.02 -49.04
CA THR C 87 26.80 39.19 -50.47
C THR C 87 25.52 38.83 -51.19
N PRO C 88 25.38 39.21 -52.47
CA PRO C 88 24.20 38.76 -53.23
C PRO C 88 24.05 37.24 -53.26
N GLU C 89 25.13 36.48 -53.13
CA GLU C 89 25.01 35.02 -53.09
C GLU C 89 24.31 34.53 -51.82
N ASP C 90 24.10 35.40 -50.84
CA ASP C 90 23.33 35.05 -49.65
C ASP C 90 21.84 35.34 -49.80
N THR C 91 21.43 35.95 -50.91
CA THR C 91 20.01 36.16 -51.15
C THR C 91 19.30 34.82 -51.24
N ALA C 92 18.27 34.65 -50.41
CA ALA C 92 17.53 33.41 -50.33
C ALA C 92 16.35 33.62 -49.40
N VAL C 93 15.40 32.68 -49.44
CA VAL C 93 14.43 32.53 -48.37
C VAL C 93 15.07 31.66 -47.29
N TYR C 94 15.10 32.18 -46.07
CA TYR C 94 15.72 31.49 -44.95
C TYR C 94 14.64 30.85 -44.08
N TYR C 95 14.84 29.58 -43.75
CA TYR C 95 13.86 28.79 -43.01
C TYR C 95 14.48 28.32 -41.71
N CYS C 96 13.74 28.44 -40.62
CA CYS C 96 14.16 27.84 -39.36
C CYS C 96 13.66 26.41 -39.27
N LEU C 97 14.54 25.51 -38.81
CA LEU C 97 14.19 24.12 -38.56
C LEU C 97 14.27 23.86 -37.06
N VAL C 98 13.22 23.26 -36.51
CA VAL C 98 13.23 22.79 -35.13
C VAL C 98 12.86 21.32 -35.14
N ARG C 99 13.71 20.50 -34.56
CA ARG C 99 13.48 19.07 -34.41
C ARG C 99 12.89 18.80 -33.04
N ASP C 100 11.80 18.03 -32.99
CA ASP C 100 11.20 17.71 -31.70
C ASP C 100 10.87 16.22 -31.63
N GLN C 101 10.85 15.71 -30.41
CA GLN C 101 10.37 14.38 -30.08
C GLN C 101 9.13 14.50 -29.22
N ARG C 102 8.18 13.59 -29.40
CA ARG C 102 6.91 13.67 -28.72
C ARG C 102 6.72 12.56 -27.68
N GLU C 103 7.63 11.59 -27.62
CA GLU C 103 7.65 10.64 -26.52
C GLU C 103 9.08 10.14 -26.36
N TRP C 104 9.34 9.52 -25.20
CA TRP C 104 10.66 8.99 -24.91
C TRP C 104 11.12 8.02 -26.00
N TYR C 105 12.30 8.30 -26.55
CA TYR C 105 12.92 7.47 -27.60
C TYR C 105 12.08 7.39 -28.86
N GLY C 106 11.12 8.31 -29.02
CA GLY C 106 10.26 8.30 -30.18
C GLY C 106 10.93 8.92 -31.38
N PRO C 107 10.25 8.82 -32.52
CA PRO C 107 10.77 9.44 -33.74
C PRO C 107 10.93 10.94 -33.58
N GLU C 108 11.84 11.50 -34.38
CA GLU C 108 12.10 12.92 -34.41
C GLU C 108 11.36 13.53 -35.60
N TYR C 109 10.81 14.73 -35.41
CA TYR C 109 9.99 15.38 -36.43
C TYR C 109 10.61 16.72 -36.81
N ASP C 110 10.59 17.00 -38.12
CA ASP C 110 10.95 18.32 -38.63
C ASP C 110 9.80 19.29 -38.43
N ASN C 111 10.11 20.48 -37.90
CA ASN C 111 9.18 21.59 -37.86
C ASN C 111 9.84 22.74 -38.61
N TRP C 112 9.17 23.25 -39.63
CA TRP C 112 9.70 24.31 -40.48
C TRP C 112 8.89 25.58 -40.32
N GLY C 113 9.58 26.72 -40.26
CA GLY C 113 8.91 28.00 -40.35
C GLY C 113 8.48 28.30 -41.78
N ARG C 114 7.74 29.40 -41.93
CA ARG C 114 7.24 29.77 -43.25
C ARG C 114 8.31 30.43 -44.12
N GLY C 115 9.46 30.76 -43.57
CA GLY C 115 10.54 31.33 -44.36
C GLY C 115 10.54 32.84 -44.32
N THR C 116 11.74 33.43 -44.26
CA THR C 116 11.90 34.88 -44.25
CA THR C 116 11.91 34.87 -44.24
C THR C 116 12.81 35.28 -45.40
N GLN C 117 12.37 36.26 -46.18
CA GLN C 117 13.15 36.70 -47.33
C GLN C 117 14.35 37.53 -46.89
N VAL C 118 15.53 37.17 -47.41
CA VAL C 118 16.74 37.96 -47.27
C VAL C 118 17.21 38.33 -48.67
N THR C 119 17.33 39.62 -48.94
CA THR C 119 17.78 40.11 -50.24
C THR C 119 18.96 41.03 -50.02
N VAL C 120 20.08 40.71 -50.66
CA VAL C 120 21.31 41.47 -50.54
C VAL C 120 21.54 42.17 -51.86
N SER C 121 21.69 43.49 -51.81
CA SER C 121 21.88 44.29 -53.01
CA SER C 121 21.88 44.29 -53.02
C SER C 121 23.34 44.29 -53.45
N SER C 122 23.56 44.53 -54.73
CA SER C 122 24.91 44.51 -55.28
C SER C 122 25.77 45.62 -54.68
N HIS C 123 27.08 45.38 -54.66
CA HIS C 123 28.04 46.38 -54.20
C HIS C 123 28.19 47.48 -55.24
N GLN D 2 -7.49 -33.95 13.37
CA GLN D 2 -7.81 -35.22 14.00
C GLN D 2 -8.19 -35.02 15.46
N LEU D 3 -9.25 -35.69 15.90
CA LEU D 3 -9.76 -35.58 17.26
C LEU D 3 -9.61 -36.91 17.97
N GLN D 4 -9.29 -36.84 19.26
CA GLN D 4 -9.16 -38.01 20.12
C GLN D 4 -10.25 -37.95 21.18
N LEU D 5 -11.07 -39.00 21.25
CA LEU D 5 -12.15 -39.09 22.23
C LEU D 5 -11.79 -40.17 23.25
N VAL D 6 -11.99 -39.86 24.54
CA VAL D 6 -11.76 -40.82 25.60
C VAL D 6 -13.02 -40.87 26.46
N GLU D 7 -13.64 -42.05 26.52
CA GLU D 7 -14.84 -42.24 27.32
C GLU D 7 -14.47 -42.83 28.68
N SER D 8 -15.31 -42.57 29.67
CA SER D 8 -15.09 -43.09 31.01
C SER D 8 -16.41 -43.14 31.75
N GLY D 9 -16.39 -43.81 32.90
CA GLY D 9 -17.52 -43.83 33.81
C GLY D 9 -18.39 -45.06 33.77
N GLY D 10 -18.07 -46.04 32.92
CA GLY D 10 -18.85 -47.25 32.85
C GLY D 10 -18.57 -48.18 34.01
N GLY D 11 -18.91 -49.45 33.82
CA GLY D 11 -18.62 -50.47 34.81
C GLY D 11 -19.87 -51.22 35.18
N LEU D 12 -19.78 -51.95 36.29
CA LEU D 12 -20.85 -52.80 36.79
C LEU D 12 -21.71 -52.04 37.80
N VAL D 13 -23.02 -52.19 37.67
CA VAL D 13 -23.97 -51.62 38.65
C VAL D 13 -25.14 -52.58 38.81
N GLN D 14 -25.66 -52.66 40.03
CA GLN D 14 -26.86 -53.42 40.30
C GLN D 14 -28.07 -52.74 39.66
N ALA D 15 -29.01 -53.57 39.20
CA ALA D 15 -30.24 -53.04 38.61
C ALA D 15 -30.94 -52.10 39.59
N GLY D 16 -31.51 -51.03 39.05
CA GLY D 16 -32.03 -49.95 39.86
C GLY D 16 -31.04 -48.87 40.17
N GLY D 17 -29.75 -49.10 39.93
CA GLY D 17 -28.70 -48.15 40.23
C GLY D 17 -28.49 -47.12 39.14
N SER D 18 -27.36 -46.43 39.24
CA SER D 18 -27.07 -45.31 38.36
C SER D 18 -25.59 -45.27 37.99
N LEU D 19 -25.29 -44.70 36.83
CA LEU D 19 -23.93 -44.44 36.38
C LEU D 19 -23.91 -43.12 35.62
N ARG D 20 -22.72 -42.53 35.52
CA ARG D 20 -22.52 -41.31 34.76
C ARG D 20 -21.35 -41.52 33.79
N LEU D 21 -21.66 -41.56 32.50
CA LEU D 21 -20.61 -41.65 31.50
C LEU D 21 -20.13 -40.26 31.14
N SER D 22 -18.87 -40.17 30.73
CA SER D 22 -18.31 -38.90 30.28
C SER D 22 -17.34 -39.16 29.15
N CYS D 23 -17.25 -38.21 28.22
CA CYS D 23 -16.30 -38.33 27.13
C CYS D 23 -15.60 -36.99 26.94
N ALA D 24 -14.28 -37.03 26.89
CA ALA D 24 -13.44 -35.84 26.70
C ALA D 24 -12.82 -35.88 25.30
N THR D 25 -12.81 -34.73 24.65
CA THR D 25 -12.25 -34.60 23.30
C THR D 25 -10.95 -33.82 23.33
N SER D 26 -9.98 -34.26 22.53
CA SER D 26 -8.70 -33.61 22.38
C SER D 26 -8.35 -33.59 20.91
N GLY D 27 -7.45 -32.68 20.53
CA GLY D 27 -6.94 -32.63 19.18
C GLY D 27 -7.13 -31.26 18.54
N THR D 28 -7.39 -31.26 17.24
CA THR D 28 -7.60 -30.03 16.49
C THR D 28 -8.85 -30.16 15.63
N THR D 29 -9.49 -29.03 15.40
CA THR D 29 -10.67 -28.92 14.53
C THR D 29 -10.96 -27.43 14.36
N PHE D 30 -12.04 -27.11 13.67
CA PHE D 30 -12.53 -25.74 13.65
C PHE D 30 -13.66 -25.52 14.66
N ARG D 31 -14.68 -26.38 14.65
CA ARG D 31 -15.81 -26.25 15.56
C ARG D 31 -16.27 -27.63 16.00
N LEU D 32 -16.63 -27.74 17.27
CA LEU D 32 -17.25 -28.95 17.82
C LEU D 32 -18.75 -28.71 17.95
N ASN D 33 -19.54 -29.46 17.18
CA ASN D 33 -20.97 -29.23 17.15
C ASN D 33 -21.70 -30.24 18.04
N THR D 34 -22.62 -31.01 17.48
CA THR D 34 -23.42 -31.90 18.31
C THR D 34 -22.58 -33.05 18.87
N MET D 35 -22.88 -33.42 20.10
CA MET D 35 -22.29 -34.58 20.75
C MET D 35 -23.40 -35.50 21.21
N GLY D 36 -23.11 -36.79 21.27
CA GLY D 36 -24.16 -37.72 21.61
C GLY D 36 -23.62 -39.03 22.14
N TRP D 37 -24.55 -39.86 22.61
CA TRP D 37 -24.23 -41.19 23.11
C TRP D 37 -25.03 -42.22 22.35
N TYR D 38 -24.37 -43.31 21.99
CA TYR D 38 -24.99 -44.45 21.33
C TYR D 38 -24.65 -45.69 22.13
N ARG D 39 -25.41 -46.76 21.90
CA ARG D 39 -25.21 -48.00 22.61
C ARG D 39 -25.41 -49.18 21.66
N GLN D 40 -24.63 -50.23 21.88
CA GLN D 40 -24.77 -51.48 21.12
C GLN D 40 -24.82 -52.63 22.10
N ALA D 41 -25.98 -53.27 22.20
CA ALA D 41 -26.16 -54.44 23.04
C ALA D 41 -25.50 -55.66 22.40
N PRO D 42 -25.19 -56.71 23.20
CA PRO D 42 -24.47 -57.88 22.67
C PRO D 42 -24.89 -58.37 21.29
N GLY D 43 -26.18 -58.56 21.09
CA GLY D 43 -26.66 -59.06 19.80
C GLY D 43 -27.53 -58.08 19.06
N LYS D 44 -27.21 -56.80 19.13
CA LYS D 44 -28.02 -55.75 18.53
C LYS D 44 -27.12 -54.79 17.75
N GLN D 45 -27.76 -53.88 17.02
CA GLN D 45 -27.05 -52.84 16.30
C GLN D 45 -26.96 -51.57 17.13
N ARG D 46 -25.95 -50.76 16.82
CA ARG D 46 -25.73 -49.52 17.56
C ARG D 46 -26.90 -48.57 17.34
N GLU D 47 -27.46 -48.08 18.44
CA GLU D 47 -28.65 -47.23 18.41
C GLU D 47 -28.40 -45.94 19.18
N LEU D 48 -29.15 -44.92 18.81
CA LEU D 48 -29.05 -43.63 19.48
C LEU D 48 -29.59 -43.72 20.90
N VAL D 49 -28.86 -43.12 21.84
CA VAL D 49 -29.31 -42.96 23.21
C VAL D 49 -29.73 -41.51 23.48
N ALA D 50 -28.83 -40.56 23.21
CA ALA D 50 -29.14 -39.16 23.40
C ALA D 50 -28.11 -38.31 22.66
N THR D 51 -28.55 -37.15 22.17
CA THR D 51 -27.66 -36.17 21.58
CA THR D 51 -27.68 -36.17 21.56
C THR D 51 -27.96 -34.79 22.17
N ILE D 52 -26.97 -33.90 22.05
CA ILE D 52 -27.11 -32.54 22.56
C ILE D 52 -26.35 -31.62 21.61
N SER D 53 -27.01 -30.59 21.13
CA SER D 53 -26.38 -29.69 20.17
C SER D 53 -25.43 -28.73 20.88
N ARG D 54 -24.64 -28.03 20.08
CA ARG D 54 -23.77 -26.98 20.61
C ARG D 54 -24.59 -25.94 21.39
N ASP D 55 -25.85 -25.75 21.00
CA ASP D 55 -26.77 -24.84 21.68
C ASP D 55 -27.67 -25.55 22.68
N PHE D 56 -27.27 -26.73 23.14
CA PHE D 56 -27.88 -27.44 24.26
C PHE D 56 -29.28 -27.97 23.98
N LYS D 57 -29.64 -28.13 22.71
CA LYS D 57 -30.89 -28.81 22.37
C LYS D 57 -30.68 -30.31 22.48
N THR D 58 -31.56 -30.98 23.23
CA THR D 58 -31.38 -32.39 23.54
C THR D 58 -32.41 -33.23 22.80
N ASN D 59 -32.03 -34.48 22.52
CA ASN D 59 -32.94 -35.48 21.95
C ASN D 59 -32.65 -36.80 22.63
N TYR D 60 -33.69 -37.46 23.13
CA TYR D 60 -33.55 -38.70 23.87
C TYR D 60 -34.33 -39.82 23.18
N ALA D 61 -33.72 -41.00 23.13
CA ALA D 61 -34.45 -42.18 22.71
C ALA D 61 -35.64 -42.40 23.65
N ASP D 62 -36.76 -42.83 23.07
CA ASP D 62 -37.97 -43.01 23.88
C ASP D 62 -37.78 -44.05 24.98
N SER D 63 -36.84 -44.99 24.78
CA SER D 63 -36.62 -46.02 25.78
C SER D 63 -35.87 -45.51 27.00
N VAL D 64 -35.26 -44.33 26.93
CA VAL D 64 -34.52 -43.75 28.05
C VAL D 64 -35.08 -42.40 28.47
N LYS D 65 -36.26 -42.04 27.96
CA LYS D 65 -36.76 -40.66 27.98
C LYS D 65 -36.62 -40.01 29.35
N GLY D 66 -37.09 -40.69 30.40
CA GLY D 66 -37.11 -40.08 31.71
C GLY D 66 -35.90 -40.37 32.57
N ARG D 67 -35.16 -41.43 32.23
CA ARG D 67 -34.12 -41.95 33.12
C ARG D 67 -32.74 -41.38 32.85
N PHE D 68 -32.45 -40.97 31.62
CA PHE D 68 -31.12 -40.50 31.25
C PHE D 68 -31.14 -38.99 31.04
N THR D 69 -30.01 -38.35 31.37
CA THR D 69 -29.84 -36.92 31.14
C THR D 69 -28.50 -36.68 30.46
N ILE D 70 -28.51 -36.02 29.31
CA ILE D 70 -27.28 -35.70 28.58
C ILE D 70 -26.95 -34.23 28.79
N SER D 71 -25.66 -33.94 28.87
CA SER D 71 -25.20 -32.57 29.08
C SER D 71 -23.81 -32.41 28.49
N ARG D 72 -23.41 -31.17 28.29
CA ARG D 72 -22.12 -30.88 27.68
C ARG D 72 -21.51 -29.64 28.31
N ASP D 73 -20.18 -29.56 28.23
CA ASP D 73 -19.42 -28.39 28.67
C ASP D 73 -18.67 -27.89 27.44
N ASN D 74 -19.14 -26.78 26.86
CA ASN D 74 -18.54 -26.27 25.62
C ASN D 74 -17.16 -25.66 25.84
N ALA D 75 -16.80 -25.34 27.08
CA ALA D 75 -15.46 -24.82 27.34
C ALA D 75 -14.45 -25.94 27.51
N LYS D 76 -14.83 -27.02 28.20
CA LYS D 76 -13.95 -28.16 28.41
C LYS D 76 -14.05 -29.20 27.31
N HIS D 77 -15.06 -29.10 26.43
CA HIS D 77 -15.24 -30.01 25.31
C HIS D 77 -15.48 -31.44 25.78
N THR D 78 -16.41 -31.57 26.72
CA THR D 78 -16.84 -32.85 27.24
C THR D 78 -18.35 -33.02 27.05
N VAL D 79 -18.81 -34.26 27.12
CA VAL D 79 -20.24 -34.55 27.10
C VAL D 79 -20.47 -35.69 28.09
N ASP D 80 -21.55 -35.59 28.85
CA ASP D 80 -21.85 -36.53 29.92
C ASP D 80 -23.24 -37.15 29.71
N LEU D 81 -23.41 -38.36 30.23
CA LEU D 81 -24.70 -39.04 30.22
C LEU D 81 -24.96 -39.58 31.62
N GLN D 82 -25.90 -38.95 32.32
CA GLN D 82 -26.34 -39.43 33.63
C GLN D 82 -27.43 -40.48 33.42
N MET D 83 -27.17 -41.71 33.85
CA MET D 83 -28.07 -42.83 33.63
C MET D 83 -28.64 -43.29 34.96
N ASN D 84 -29.94 -43.16 35.13
CA ASN D 84 -30.60 -43.56 36.36
C ASN D 84 -31.58 -44.71 36.08
N SER D 85 -31.93 -45.43 37.15
CA SER D 85 -32.92 -46.50 37.10
C SER D 85 -32.55 -47.54 36.05
N LEU D 86 -31.29 -47.97 36.08
CA LEU D 86 -30.80 -48.92 35.09
C LEU D 86 -31.49 -50.27 35.27
N THR D 87 -31.67 -50.96 34.15
CA THR D 87 -32.20 -52.32 34.11
C THR D 87 -31.29 -53.12 33.21
N PRO D 88 -31.31 -54.46 33.32
CA PRO D 88 -30.45 -55.28 32.46
C PRO D 88 -30.57 -54.98 30.96
N GLU D 89 -31.71 -54.45 30.52
CA GLU D 89 -31.85 -54.06 29.11
C GLU D 89 -30.94 -52.90 28.75
N ASP D 90 -30.37 -52.18 29.72
CA ASP D 90 -29.45 -51.10 29.44
C ASP D 90 -28.00 -51.56 29.31
N THR D 91 -27.72 -52.83 29.63
CA THR D 91 -26.37 -53.36 29.45
C THR D 91 -25.98 -53.31 27.98
N ALA D 92 -24.83 -52.72 27.70
CA ALA D 92 -24.34 -52.53 26.34
C ALA D 92 -22.98 -51.87 26.40
N VAL D 93 -22.31 -51.83 25.25
CA VAL D 93 -21.17 -50.95 25.06
C VAL D 93 -21.71 -49.60 24.61
N TYR D 94 -21.32 -48.55 25.32
CA TYR D 94 -21.79 -47.20 25.04
C TYR D 94 -20.71 -46.42 24.31
N TYR D 95 -21.08 -45.82 23.18
CA TYR D 95 -20.17 -45.06 22.33
C TYR D 95 -20.57 -43.59 22.31
N CYS D 96 -19.57 -42.72 22.43
CA CYS D 96 -19.80 -41.29 22.27
C CYS D 96 -19.53 -40.86 20.83
N LEU D 97 -20.40 -40.01 20.30
CA LEU D 97 -20.27 -39.45 18.96
C LEU D 97 -20.07 -37.95 19.07
N VAL D 98 -19.01 -37.44 18.43
CA VAL D 98 -18.73 -36.02 18.39
C VAL D 98 -18.71 -35.59 16.92
N ARG D 99 -19.52 -34.60 16.59
CA ARG D 99 -19.59 -34.04 15.24
C ARG D 99 -18.72 -32.79 15.17
N ASP D 100 -17.76 -32.76 14.25
CA ASP D 100 -16.87 -31.62 14.13
C ASP D 100 -16.89 -31.08 12.72
N GLN D 101 -16.57 -29.80 12.63
CA GLN D 101 -16.49 -29.04 11.39
C GLN D 101 -15.06 -28.54 11.26
N ARG D 102 -14.52 -28.57 10.05
CA ARG D 102 -13.10 -28.31 9.86
C ARG D 102 -12.82 -27.06 9.03
N GLU D 103 -13.84 -26.44 8.45
CA GLU D 103 -13.69 -25.17 7.76
C GLU D 103 -15.02 -24.43 7.87
N TRP D 104 -14.97 -23.11 7.67
CA TRP D 104 -16.19 -22.33 7.69
C TRP D 104 -17.17 -22.86 6.66
N TYR D 105 -18.40 -23.14 7.11
CA TYR D 105 -19.50 -23.62 6.27
C TYR D 105 -19.24 -24.99 5.67
N GLY D 106 -18.27 -25.74 6.22
CA GLY D 106 -17.89 -27.00 5.65
C GLY D 106 -18.73 -28.15 6.14
N PRO D 107 -18.48 -29.35 5.61
CA PRO D 107 -19.23 -30.53 6.04
C PRO D 107 -18.90 -30.88 7.48
N GLU D 108 -19.74 -31.73 8.05
CA GLU D 108 -19.53 -32.26 9.39
C GLU D 108 -19.05 -33.70 9.30
N TYR D 109 -18.21 -34.09 10.26
CA TYR D 109 -17.62 -35.42 10.28
C TYR D 109 -17.94 -36.10 11.60
N ASP D 110 -18.03 -37.42 11.55
CA ASP D 110 -18.26 -38.23 12.75
C ASP D 110 -16.94 -38.55 13.42
N ASN D 111 -16.94 -38.50 14.76
CA ASN D 111 -15.82 -38.96 15.57
C ASN D 111 -16.37 -39.86 16.66
N TRP D 112 -15.91 -41.11 16.69
CA TRP D 112 -16.40 -42.10 17.64
C TRP D 112 -15.31 -42.46 18.64
N GLY D 113 -15.71 -42.65 19.89
CA GLY D 113 -14.81 -43.22 20.87
C GLY D 113 -14.72 -44.72 20.75
N ARG D 114 -13.83 -45.32 21.53
CA ARG D 114 -13.69 -46.77 21.54
C ARG D 114 -14.84 -47.47 22.24
N GLY D 115 -15.63 -46.74 23.01
CA GLY D 115 -16.77 -47.32 23.71
C GLY D 115 -16.40 -47.78 25.10
N THR D 116 -17.39 -47.73 26.00
CA THR D 116 -17.23 -48.16 27.37
CA THR D 116 -17.23 -48.15 27.38
C THR D 116 -18.32 -49.17 27.72
N GLN D 117 -17.92 -50.24 28.39
CA GLN D 117 -18.84 -51.30 28.77
C GLN D 117 -19.67 -50.86 29.97
N VAL D 118 -20.99 -51.03 29.86
CA VAL D 118 -21.91 -50.85 30.97
C VAL D 118 -22.63 -52.18 31.18
N THR D 119 -22.55 -52.72 32.39
CA THR D 119 -23.18 -53.99 32.74
C THR D 119 -24.07 -53.77 33.93
N VAL D 120 -25.37 -54.06 33.76
CA VAL D 120 -26.36 -53.93 34.82
C VAL D 120 -26.77 -55.34 35.22
N SER D 121 -26.50 -55.71 36.46
CA SER D 121 -26.77 -57.06 36.95
C SER D 121 -28.15 -57.16 37.54
N SER D 122 -28.70 -58.37 37.53
CA SER D 122 -30.10 -58.61 37.87
C SER D 122 -30.27 -58.68 39.39
N HIS D 123 -31.48 -59.03 39.83
CA HIS D 123 -31.82 -59.00 41.25
C HIS D 123 -31.01 -60.02 42.05
N HIS D 124 -30.76 -61.19 41.45
CA HIS D 124 -30.02 -62.33 42.03
C HIS D 124 -29.54 -62.19 43.47
C1 NAG E . 11.83 8.44 -17.70
C2 NAG E . 12.55 7.36 -18.52
C3 NAG E . 11.62 6.76 -19.58
C4 NAG E . 10.23 6.38 -19.06
C5 NAG E . 9.67 7.54 -18.21
C6 NAG E . 8.38 7.24 -17.47
C7 NAG E . 14.97 7.46 -18.97
C8 NAG E . 16.05 8.14 -19.75
N2 NAG E . 13.72 7.90 -19.18
O3 NAG E . 12.29 5.65 -20.11
O4 NAG E . 9.48 6.19 -20.23
O5 NAG E . 10.62 7.92 -17.23
O6 NAG E . 8.19 8.21 -16.48
O7 NAG E . 15.24 6.56 -18.19
C1 NAG E . 8.59 5.06 -20.21
C2 NAG E . 7.69 5.16 -21.44
C3 NAG E . 6.68 4.02 -21.49
C4 NAG E . 7.25 2.64 -21.12
C5 NAG E . 8.32 2.73 -20.03
C6 NAG E . 9.17 1.48 -19.89
C7 NAG E . 6.14 6.92 -20.59
C8 NAG E . 5.60 8.30 -20.90
N2 NAG E . 7.01 6.44 -21.49
O3 NAG E . 6.12 4.02 -22.78
O4 NAG E . 6.10 1.94 -20.69
O5 NAG E . 9.22 3.81 -20.24
O6 NAG E . 10.19 1.70 -18.96
O7 NAG E . 5.78 6.33 -19.58
C1 BMA E . 5.87 0.60 -21.20
C2 BMA E . 5.52 0.50 -22.69
C3 BMA E . 5.05 -0.93 -23.01
C4 BMA E . 5.53 -2.09 -22.08
C5 BMA E . 6.44 -1.73 -20.90
C6 BMA E . 7.67 -2.62 -20.77
O2 BMA E . 6.61 0.88 -23.50
O3 BMA E . 5.40 -1.15 -24.36
O4 BMA E . 4.34 -2.69 -21.61
O5 BMA E . 6.83 -0.36 -20.82
O6 BMA E . 7.25 -3.79 -20.07
C1 NAG F . 12.66 18.53 5.11
C2 NAG F . 12.40 19.05 6.54
C3 NAG F . 13.33 20.21 6.86
C4 NAG F . 14.79 19.82 6.63
C5 NAG F . 14.92 19.26 5.20
C6 NAG F . 16.31 18.76 4.87
C7 NAG F . 10.08 18.61 7.25
C8 NAG F . 8.70 19.20 7.37
N2 NAG F . 11.02 19.42 6.73
O3 NAG F . 13.08 20.60 8.18
O4 NAG F . 15.55 21.00 6.77
O5 NAG F . 14.01 18.20 4.99
O6 NAG F . 16.35 18.36 3.52
O7 NAG F . 10.32 17.46 7.59
C1 NAG F . 16.25 21.05 8.03
C2 NAG F . 17.44 22.00 7.89
C3 NAG F . 18.25 21.97 9.18
C4 NAG F . 17.35 22.42 10.32
C5 NAG F . 16.06 21.60 10.37
C6 NAG F . 15.06 22.19 11.35
C7 NAG F . 18.34 22.54 5.67
C8 NAG F . 19.25 22.08 4.56
N2 NAG F . 18.26 21.72 6.73
O3 NAG F . 19.36 22.80 9.02
O4 NAG F . 18.09 22.30 11.52
O5 NAG F . 15.44 21.50 9.09
O6 NAG F . 14.06 21.26 11.66
O7 NAG F . 17.72 23.60 5.59
C1 NAG G . -14.87 -15.17 9.48
C2 NAG G . -16.01 -15.47 8.50
C3 NAG G . -15.55 -16.51 7.47
C4 NAG G . -14.19 -16.20 6.84
C5 NAG G . -13.17 -15.82 7.91
C6 NAG G . -11.87 -15.32 7.33
C7 NAG G . -18.40 -15.41 9.06
C8 NAG G . -19.48 -16.07 9.90
N2 NAG G . -17.17 -15.94 9.20
O3 NAG G . -16.55 -16.61 6.48
O4 NAG G . -13.78 -17.40 6.22
O5 NAG G . -13.71 -14.83 8.74
O6 NAG G . -11.16 -14.56 8.28
O7 NAG G . -18.64 -14.48 8.32
C1 NAG G . -13.50 -17.23 4.83
C2 NAG G . -12.50 -18.34 4.45
C3 NAG G . -12.35 -18.49 2.94
C4 NAG G . -13.72 -18.55 2.27
C5 NAG G . -14.52 -17.31 2.69
C6 NAG G . -15.88 -17.23 2.04
C7 NAG G . -10.65 -18.87 6.02
C8 NAG G . -9.29 -18.44 6.51
N2 NAG G . -11.20 -18.09 5.05
O3 NAG G . -11.60 -19.65 2.70
O4 NAG G . -13.51 -18.59 0.87
O5 NAG G . -14.68 -17.35 4.08
O6 NAG G . -16.75 -16.50 2.89
O7 NAG G . -11.22 -19.85 6.49
C1 NAG H . -8.84 -12.08 33.89
C2 NAG H . -9.53 -11.77 35.23
C3 NAG H . -8.58 -11.13 36.25
C4 NAG H . -7.30 -11.95 36.37
C5 NAG H . -6.68 -12.08 34.97
C6 NAG H . -5.41 -12.90 34.93
C7 NAG H . -11.93 -11.30 34.87
C8 NAG H . -12.91 -10.19 34.64
N2 NAG H . -10.65 -10.90 35.01
O3 NAG H . -9.26 -11.05 37.46
O4 NAG H . -6.47 -11.26 37.28
O5 NAG H . -7.61 -12.72 34.11
O6 NAG H . -5.73 -14.23 35.30
O7 NAG H . -12.26 -12.48 34.92
C1 NAG H . -5.98 -12.15 38.31
C2 NAG H . -4.78 -11.48 39.01
C3 NAG H . -4.32 -12.26 40.26
C4 NAG H . -5.46 -12.83 41.09
C5 NAG H . -6.48 -13.49 40.15
C6 NAG H . -7.65 -14.16 40.84
C7 NAG H . -3.43 -10.31 37.29
C8 NAG H . -2.22 -10.45 36.41
N2 NAG H . -3.69 -11.37 38.09
O3 NAG H . -3.50 -11.40 40.99
O4 NAG H . -4.89 -13.78 41.97
O5 NAG H . -6.96 -12.52 39.25
O6 NAG H . -8.67 -13.23 41.09
O7 NAG H . -4.11 -9.29 37.28
C1 BMA H . -4.99 -13.39 43.35
C2 BMA H . -4.72 -14.62 44.20
C3 BMA H . -4.56 -14.28 45.71
C4 BMA H . -3.76 -12.99 46.00
C5 BMA H . -3.32 -12.19 44.78
C6 BMA H . -1.87 -12.43 44.35
O2 BMA H . -3.59 -15.28 43.69
O3 BMA H . -4.01 -15.41 46.32
O4 BMA H . -4.60 -12.20 46.83
O5 BMA H . -4.16 -12.28 43.63
O6 BMA H . -1.47 -11.32 43.57
C1 FUC H . -4.56 -14.94 35.70
C2 FUC H . -4.98 -16.26 36.38
C3 FUC H . -5.53 -17.23 35.35
C4 FUC H . -4.53 -17.44 34.21
C5 FUC H . -4.15 -16.08 33.63
C6 FUC H . -3.07 -16.16 32.56
O2 FUC H . -5.89 -15.95 37.39
O3 FUC H . -5.85 -18.42 36.02
O4 FUC H . -3.43 -18.14 34.73
O5 FUC H . -3.68 -15.19 34.64
C1 NAG I . 17.44 31.23 -7.66
C2 NAG I . 18.59 32.22 -7.46
C3 NAG I . 18.35 33.17 -6.29
C4 NAG I . 16.99 33.84 -6.42
C5 NAG I . 15.93 32.75 -6.53
C6 NAG I . 14.54 33.30 -6.78
C7 NAG I . 20.63 31.20 -8.35
C8 NAG I . 21.86 30.40 -7.99
N2 NAG I . 19.81 31.48 -7.32
O3 NAG I . 19.40 34.10 -6.26
O4 NAG I . 16.80 34.67 -5.28
O5 NAG I . 16.20 31.91 -7.64
O6 NAG I . 14.54 33.85 -8.07
O7 NAG I . 20.42 31.55 -9.49
C1 NAG I . 16.48 36.04 -5.63
C2 NAG I . 15.63 36.68 -4.52
C3 NAG I . 15.47 38.19 -4.71
C4 NAG I . 16.81 38.85 -5.00
C5 NAG I . 17.41 38.15 -6.22
C6 NAG I . 18.72 38.76 -6.71
C7 NAG I . 13.91 35.16 -3.58
C8 NAG I . 12.48 34.72 -3.74
N2 NAG I . 14.31 36.09 -4.46
O3 NAG I . 14.88 38.71 -3.54
O4 NAG I . 16.55 40.22 -5.24
O5 NAG I . 17.64 36.80 -5.89
O6 NAG I . 19.76 38.39 -5.84
O7 NAG I . 14.63 34.68 -2.71
C1 FUC I . 13.56 34.89 -8.16
C2 FUC I . 13.84 35.75 -9.40
C3 FUC I . 13.57 34.96 -10.67
C4 FUC I . 12.16 34.36 -10.64
C5 FUC I . 12.01 33.54 -9.35
C6 FUC I . 10.64 32.92 -9.17
O2 FUC I . 15.17 36.21 -9.33
O3 FUC I . 13.77 35.81 -11.77
O4 FUC I . 11.24 35.41 -10.73
O5 FUC I . 12.27 34.36 -8.22
C1 NAG J . -3.38 2.37 22.98
C2 NAG J . -2.39 3.54 22.92
C3 NAG J . -2.25 4.36 24.20
C4 NAG J . -3.55 4.50 24.97
C5 NAG J . -4.21 3.12 25.09
C6 NAG J . -5.45 3.13 25.95
C7 NAG J . -0.27 3.66 21.67
C8 NAG J . 1.04 2.95 21.44
N2 NAG J . -1.09 3.05 22.54
O3 NAG J . -1.75 5.62 23.81
O4 NAG J . -3.22 5.02 26.24
O5 NAG J . -4.51 2.66 23.77
O6 NAG J . -5.15 3.74 27.19
O7 NAG J . -0.54 4.70 21.10
C1 NAG K . 16.52 -13.58 1.68
C2 NAG K . 17.15 -14.80 2.39
C3 NAG K . 18.28 -15.46 1.60
C4 NAG K . 17.95 -15.54 0.12
C5 NAG K . 17.63 -14.12 -0.34
C6 NAG K . 17.51 -13.96 -1.84
C7 NAG K . 17.11 -14.80 4.88
C8 NAG K . 17.82 -14.23 6.09
N2 NAG K . 17.63 -14.41 3.69
O3 NAG K . 18.49 -16.73 2.16
O4 NAG K . 19.08 -16.07 -0.54
O5 NAG K . 16.42 -13.75 0.28
O6 NAG K . 16.70 -14.98 -2.38
O7 NAG K . 16.14 -15.54 4.98
#